data_9BD6
#
_entry.id   9BD6
#
_cell.length_a   1.00
_cell.length_b   1.00
_cell.length_c   1.00
_cell.angle_alpha   90.00
_cell.angle_beta   90.00
_cell.angle_gamma   90.00
#
_symmetry.space_group_name_H-M   'P 1'
#
loop_
_entity.id
_entity.type
_entity.pdbx_description
1 polymer 'ATP-dependent lipid A-core flippase'
2 non-polymer 'ZINC ION'
3 non-polymer 'ADP METAVANADATE'
#
_entity_poly.entity_id   1
_entity_poly.type   'polypeptide(L)'
_entity_poly.pdbx_seq_one_letter_code
;GSMSDSPQNPGPSSLKIYFRLLGYVKPYIGMFLLSIVGFLIFASTQPMLAGILKYFVDGLSNPDAALFPNVQWPWLRDLH
LVYAVPLLIILIAAWQGLGSFLGNFFLAKVSLGLVHDLRVALFNKLLVLPNRYFDTHSSGHLISRITFNVTMVTGAATDA
IKVVIREGLTVVFLFLYLLWMNWKLTLVMLAILPVIAVMVTTASRKFRKQSKKIQVAMGDVTHVASETIQGYRVVRSFGG
EAYEEKRFLDASQSNTDKQLRMTKTGAVYTPMLQLVIYVAMAILMFLVLWLRGDASAGDLVAYITAAGLLPKPIRQLSEV
SSTVQRGVAGAESIFEQLDEAAEEDQGTVEKERVSGRLEVRNLSFRYPGTDKQVLDDISFIAEPGQMIALVGRSGSGKST
LANLVPRFYQHNDGKILLDGVEVEDYRLRNLRRHIALVTQQVTLFNDSVANNIAYGDLAGAPREEIERAAKAANAKEFID
NLPQGFDTEVGENGVLLSGGQRQRLAIARALLKDAPLLILDEATSALDTESERHIQAALDEVMKGRTTLVIAHRLSTIEK
ADLILVMDQGQIVERGSHAELLAQNGHYARLHAMGLDEQAPAPVG
;
_entity_poly.pdbx_strand_id   A,B
#
loop_
_chem_comp.id
_chem_comp.type
_chem_comp.name
_chem_comp.formula
AD9 non-polymer 'ADP METAVANADATE' 'C10 H16 N5 O13 P2 V'
ZN non-polymer 'ZINC ION' 'Zn 2'
#
# COMPACT_ATOMS: atom_id res chain seq x y z
N SER A 13 -18.83 5.68 -11.37
CA SER A 13 -17.57 5.17 -11.89
C SER A 13 -17.28 5.71 -13.28
N SER A 14 -17.74 6.94 -13.54
CA SER A 14 -17.48 7.59 -14.82
C SER A 14 -16.00 7.90 -14.96
N LEU A 15 -15.52 7.87 -16.20
CA LEU A 15 -14.14 8.21 -16.53
C LEU A 15 -13.91 9.72 -16.56
N LYS A 16 -14.93 10.51 -16.25
CA LYS A 16 -14.82 11.95 -16.21
C LYS A 16 -13.88 12.44 -15.12
N ILE A 17 -13.63 11.61 -14.10
CA ILE A 17 -12.73 11.99 -13.02
C ILE A 17 -11.33 12.29 -13.55
N TYR A 18 -10.94 11.63 -14.65
CA TYR A 18 -9.63 11.87 -15.23
C TYR A 18 -9.48 13.31 -15.71
N PHE A 19 -10.60 13.97 -16.02
CA PHE A 19 -10.54 15.36 -16.50
C PHE A 19 -9.88 16.27 -15.46
N ARG A 20 -9.98 15.91 -14.18
CA ARG A 20 -9.34 16.69 -13.13
C ARG A 20 -7.82 16.68 -13.25
N LEU A 21 -7.26 15.58 -13.77
CA LEU A 21 -5.81 15.49 -13.95
C LEU A 21 -5.28 16.61 -14.84
N LEU A 22 -6.13 17.16 -15.72
CA LEU A 22 -5.71 18.21 -16.63
C LEU A 22 -5.21 19.44 -15.90
N GLY A 23 -5.78 19.71 -14.72
CA GLY A 23 -5.32 20.86 -13.94
C GLY A 23 -3.85 20.78 -13.59
N TYR A 24 -3.30 19.57 -13.50
CA TYR A 24 -1.90 19.37 -13.18
C TYR A 24 -1.02 19.28 -14.42
N VAL A 25 -1.61 19.27 -15.62
CA VAL A 25 -0.84 19.21 -16.86
C VAL A 25 -0.62 20.59 -17.46
N LYS A 26 -1.17 21.64 -16.85
CA LYS A 26 -0.92 23.00 -17.32
C LYS A 26 0.56 23.36 -17.37
N PRO A 27 1.38 23.10 -16.33
CA PRO A 27 2.80 23.49 -16.41
C PRO A 27 3.59 22.68 -17.44
N TYR A 28 3.07 21.54 -17.89
CA TYR A 28 3.77 20.69 -18.83
C TYR A 28 3.14 20.75 -20.22
N ILE A 29 2.45 21.84 -20.53
CA ILE A 29 1.73 21.94 -21.81
C ILE A 29 2.72 21.89 -22.98
N GLY A 30 3.85 22.58 -22.85
CA GLY A 30 4.80 22.63 -23.96
C GLY A 30 5.36 21.27 -24.32
N MET A 31 5.77 20.50 -23.30
CA MET A 31 6.30 19.17 -23.56
C MET A 31 5.26 18.26 -24.20
N PHE A 32 4.00 18.41 -23.79
CA PHE A 32 2.93 17.59 -24.34
C PHE A 32 2.75 17.86 -25.84
N LEU A 33 2.89 19.13 -26.25
CA LEU A 33 2.78 19.47 -27.65
C LEU A 33 3.85 18.78 -28.48
N LEU A 34 5.08 18.70 -27.96
CA LEU A 34 6.15 18.01 -28.66
C LEU A 34 5.83 16.52 -28.83
N SER A 35 5.21 15.92 -27.80
CA SER A 35 4.83 14.51 -27.91
C SER A 35 3.84 14.29 -29.04
N ILE A 36 2.89 15.21 -29.21
CA ILE A 36 1.93 15.11 -30.31
C ILE A 36 2.66 15.20 -31.65
N VAL A 37 3.62 16.12 -31.76
CA VAL A 37 4.38 16.26 -33.00
C VAL A 37 5.10 14.97 -33.35
N GLY A 38 5.72 14.34 -32.35
CA GLY A 38 6.40 13.08 -32.61
C GLY A 38 5.43 11.98 -33.03
N PHE A 39 4.29 11.89 -32.35
CA PHE A 39 3.28 10.90 -32.72
C PHE A 39 2.75 11.14 -34.12
N LEU A 40 2.63 12.41 -34.52
CA LEU A 40 2.24 12.74 -35.89
C LEU A 40 3.23 12.16 -36.89
N ILE A 41 4.53 12.33 -36.61
CA ILE A 41 5.57 11.79 -37.48
C ILE A 41 5.44 10.28 -37.61
N PHE A 42 5.30 9.58 -36.46
CA PHE A 42 5.19 8.13 -36.47
C PHE A 42 3.97 7.69 -37.28
N ALA A 43 2.84 8.36 -37.07
CA ALA A 43 1.62 8.00 -37.78
C ALA A 43 1.77 8.21 -39.29
N SER A 44 2.45 9.28 -39.69
CA SER A 44 2.61 9.57 -41.12
C SER A 44 3.42 8.48 -41.82
N THR A 45 4.34 7.84 -41.11
CA THR A 45 5.15 6.80 -41.73
C THR A 45 4.34 5.57 -42.10
N GLN A 46 3.28 5.28 -41.35
CA GLN A 46 2.49 4.07 -41.61
C GLN A 46 1.93 4.07 -43.02
N PRO A 47 1.21 5.10 -43.51
CA PRO A 47 0.80 5.09 -44.91
C PRO A 47 1.96 5.08 -45.89
N MET A 48 3.06 5.76 -45.56
CA MET A 48 4.22 5.78 -46.44
C MET A 48 4.75 4.37 -46.69
N LEU A 49 4.86 3.58 -45.63
CA LEU A 49 5.37 2.23 -45.75
C LEU A 49 4.51 1.39 -46.70
N ALA A 50 3.20 1.65 -46.72
CA ALA A 50 2.33 0.93 -47.64
C ALA A 50 2.50 1.41 -49.07
N GLY A 51 2.74 2.71 -49.26
CA GLY A 51 2.84 3.25 -50.61
C GLY A 51 4.04 2.74 -51.37
N ILE A 52 5.15 2.53 -50.67
CA ILE A 52 6.39 2.10 -51.34
C ILE A 52 6.19 0.79 -52.09
N LEU A 53 5.23 -0.02 -51.65
CA LEU A 53 4.96 -1.29 -52.31
C LEU A 53 4.52 -1.08 -53.75
N LYS A 54 3.79 0.00 -54.02
CA LYS A 54 3.37 0.33 -55.37
C LYS A 54 4.58 0.43 -56.30
N TYR A 55 5.60 1.18 -55.88
CA TYR A 55 6.79 1.34 -56.71
C TYR A 55 7.59 0.06 -56.77
N PHE A 56 7.62 -0.71 -55.68
CA PHE A 56 8.32 -2.00 -55.68
C PHE A 56 7.73 -2.93 -56.72
N VAL A 57 6.40 -3.01 -56.79
CA VAL A 57 5.74 -3.86 -57.78
C VAL A 57 6.08 -3.39 -59.19
N ASP A 58 6.02 -2.07 -59.42
CA ASP A 58 6.41 -1.53 -60.71
C ASP A 58 7.88 -1.84 -61.01
N GLY A 59 8.74 -1.74 -59.99
CA GLY A 59 10.14 -2.03 -60.18
C GLY A 59 10.38 -3.48 -60.58
N LEU A 60 9.62 -4.41 -60.00
CA LEU A 60 9.73 -5.81 -60.39
C LEU A 60 9.61 -5.97 -61.89
N SER A 61 8.67 -5.26 -62.51
CA SER A 61 8.52 -5.33 -63.97
C SER A 61 9.66 -4.61 -64.68
N ASN A 62 10.01 -3.41 -64.22
CA ASN A 62 11.05 -2.61 -64.87
C ASN A 62 11.90 -1.90 -63.81
N PRO A 63 12.97 -2.55 -63.35
CA PRO A 63 13.84 -1.90 -62.35
C PRO A 63 14.66 -0.76 -62.93
N ASP A 64 14.85 -0.72 -64.24
CA ASP A 64 15.60 0.37 -64.87
C ASP A 64 14.82 1.68 -64.89
N ALA A 65 13.53 1.64 -64.58
CA ALA A 65 12.73 2.86 -64.56
C ALA A 65 13.21 3.80 -63.46
N ALA A 66 13.08 5.10 -63.72
CA ALA A 66 13.52 6.12 -62.79
C ALA A 66 12.35 6.53 -61.90
N LEU A 67 12.60 6.59 -60.59
CA LEU A 67 11.52 6.95 -59.67
C LEU A 67 10.95 8.35 -59.91
N PHE A 68 11.77 9.33 -60.36
CA PHE A 68 11.26 10.72 -60.35
C PHE A 68 11.16 11.54 -61.64
N PRO A 69 10.81 11.13 -62.84
CA PRO A 69 11.51 11.67 -64.02
C PRO A 69 11.94 13.15 -64.04
N ASN A 70 11.42 14.04 -63.19
CA ASN A 70 11.84 15.45 -63.26
C ASN A 70 12.77 15.82 -62.11
N LEU A 76 18.90 13.06 -58.42
CA LEU A 76 17.68 12.46 -58.96
C LEU A 76 17.75 12.53 -60.47
N ARG A 77 16.61 12.36 -61.16
CA ARG A 77 16.57 12.31 -62.63
C ARG A 77 17.53 11.25 -63.20
N ASP A 78 18.10 10.42 -62.33
CA ASP A 78 18.85 9.24 -62.75
C ASP A 78 18.59 8.01 -61.88
N LEU A 79 18.46 8.20 -60.57
CA LEU A 79 18.26 7.11 -59.62
C LEU A 79 17.12 6.22 -60.06
N HIS A 80 17.43 4.96 -60.30
CA HIS A 80 16.42 4.00 -60.75
C HIS A 80 15.76 3.36 -59.54
N LEU A 81 14.62 2.70 -59.79
CA LEU A 81 13.88 2.07 -58.71
C LEU A 81 14.73 1.05 -57.96
N VAL A 82 15.67 0.41 -58.65
CA VAL A 82 16.50 -0.62 -58.02
C VAL A 82 17.26 -0.06 -56.83
N TYR A 83 17.67 1.21 -56.90
CA TYR A 83 18.35 1.82 -55.76
C TYR A 83 17.47 2.77 -54.97
N ALA A 84 16.52 3.45 -55.63
CA ALA A 84 15.69 4.45 -54.97
C ALA A 84 14.76 3.81 -53.94
N VAL A 85 14.03 2.77 -54.35
CA VAL A 85 13.09 2.11 -53.43
C VAL A 85 13.82 1.62 -52.17
N PRO A 86 14.94 0.91 -52.24
CA PRO A 86 15.64 0.54 -51.00
C PRO A 86 16.05 1.73 -50.16
N LEU A 87 16.49 2.81 -50.80
CA LEU A 87 16.94 3.99 -50.06
C LEU A 87 15.78 4.61 -49.28
N LEU A 88 14.61 4.70 -49.90
CA LEU A 88 13.46 5.31 -49.24
C LEU A 88 13.08 4.55 -47.98
N ILE A 89 13.20 3.22 -48.01
CA ILE A 89 12.86 2.41 -46.85
C ILE A 89 13.66 2.87 -45.63
N ILE A 90 14.96 3.10 -45.81
CA ILE A 90 15.81 3.53 -44.70
C ILE A 90 15.37 4.90 -44.20
N LEU A 91 15.10 5.82 -45.12
CA LEU A 91 14.73 7.18 -44.73
C LEU A 91 13.44 7.19 -43.93
N ILE A 92 12.43 6.43 -44.40
CA ILE A 92 11.17 6.35 -43.66
C ILE A 92 11.40 5.78 -42.27
N ALA A 93 12.27 4.77 -42.16
CA ALA A 93 12.55 4.15 -40.86
C ALA A 93 13.16 5.16 -39.90
N ALA A 94 14.12 5.95 -40.39
CA ALA A 94 14.73 6.98 -39.54
C ALA A 94 13.70 8.03 -39.13
N TRP A 95 12.85 8.44 -40.07
CA TRP A 95 11.80 9.42 -39.76
C TRP A 95 10.86 8.88 -38.70
N GLN A 96 10.45 7.61 -38.83
CA GLN A 96 9.62 6.98 -37.81
C GLN A 96 10.33 6.93 -36.47
N GLY A 97 11.62 6.65 -36.47
CA GLY A 97 12.37 6.56 -35.22
C GLY A 97 12.39 7.88 -34.46
N LEU A 98 12.61 8.99 -35.18
CA LEU A 98 12.59 10.30 -34.55
C LEU A 98 11.25 10.57 -33.87
N GLY A 99 10.16 10.30 -34.58
CA GLY A 99 8.84 10.51 -34.00
C GLY A 99 8.61 9.65 -32.78
N SER A 100 9.09 8.41 -32.80
CA SER A 100 8.92 7.51 -31.67
C SER A 100 9.59 8.06 -30.42
N PHE A 101 10.86 8.48 -30.55
CA PHE A 101 11.57 9.00 -29.39
C PHE A 101 10.92 10.27 -28.87
N LEU A 102 10.63 11.21 -29.76
CA LEU A 102 10.05 12.49 -29.34
C LEU A 102 8.71 12.27 -28.65
N GLY A 103 7.89 11.36 -29.18
CA GLY A 103 6.60 11.10 -28.58
C GLY A 103 6.69 10.37 -27.25
N ASN A 104 7.48 9.29 -27.22
CA ASN A 104 7.53 8.46 -26.01
C ASN A 104 8.29 9.16 -24.89
N PHE A 105 9.39 9.83 -25.20
CA PHE A 105 10.20 10.47 -24.14
C PHE A 105 9.45 11.64 -23.52
N PHE A 106 8.96 12.57 -24.35
CA PHE A 106 8.35 13.77 -23.82
C PHE A 106 7.02 13.48 -23.13
N LEU A 107 6.25 12.52 -23.64
CA LEU A 107 5.02 12.13 -22.96
C LEU A 107 5.30 11.60 -21.57
N ALA A 108 6.36 10.79 -21.43
CA ALA A 108 6.73 10.28 -20.12
C ALA A 108 7.20 11.40 -19.19
N LYS A 109 7.93 12.39 -19.73
CA LYS A 109 8.28 13.56 -18.94
C LYS A 109 7.04 14.17 -18.30
N VAL A 110 6.00 14.38 -19.10
CA VAL A 110 4.75 14.95 -18.59
C VAL A 110 4.14 14.01 -17.56
N SER A 111 4.11 12.71 -17.86
CA SER A 111 3.47 11.75 -16.96
C SER A 111 4.16 11.72 -15.60
N LEU A 112 5.49 11.62 -15.60
CA LEU A 112 6.23 11.59 -14.34
C LEU A 112 6.06 12.90 -13.57
N GLY A 113 6.00 14.02 -14.29
CA GLY A 113 5.75 15.29 -13.62
C GLY A 113 4.42 15.34 -12.92
N LEU A 114 3.38 14.79 -13.55
CA LEU A 114 2.07 14.74 -12.91
C LEU A 114 2.09 13.85 -11.67
N VAL A 115 2.79 12.71 -11.75
CA VAL A 115 2.93 11.84 -10.57
C VAL A 115 3.53 12.62 -9.41
N HIS A 116 4.63 13.33 -9.68
CA HIS A 116 5.29 14.10 -8.64
C HIS A 116 4.36 15.15 -8.05
N ASP A 117 3.67 15.90 -8.92
CA ASP A 117 2.76 16.94 -8.44
C ASP A 117 1.64 16.35 -7.59
N LEU A 118 1.04 15.25 -8.05
CA LEU A 118 -0.07 14.65 -7.31
C LEU A 118 0.40 14.14 -5.95
N ARG A 119 1.54 13.44 -5.92
CA ARG A 119 2.05 12.93 -4.65
C ARG A 119 2.34 14.06 -3.66
N VAL A 120 3.03 15.10 -4.13
CA VAL A 120 3.36 16.22 -3.24
C VAL A 120 2.09 16.86 -2.70
N ALA A 121 1.09 17.06 -3.57
CA ALA A 121 -0.16 17.67 -3.14
C ALA A 121 -0.86 16.83 -2.07
N LEU A 122 -0.91 15.51 -2.27
CA LEU A 122 -1.56 14.64 -1.30
C LEU A 122 -0.86 14.69 0.04
N PHE A 123 0.46 14.67 0.05
CA PHE A 123 1.22 14.70 1.29
C PHE A 123 0.97 16.00 2.05
N ASN A 124 1.00 17.13 1.34
CA ASN A 124 0.75 18.42 1.98
C ASN A 124 -0.66 18.50 2.52
N LYS A 125 -1.62 17.89 1.80
CA LYS A 125 -2.99 17.87 2.28
C LYS A 125 -3.09 17.14 3.62
N LEU A 126 -2.38 16.02 3.76
CA LEU A 126 -2.40 15.29 5.02
C LEU A 126 -1.94 16.16 6.18
N LEU A 127 -0.92 16.99 5.95
CA LEU A 127 -0.41 17.87 6.99
C LEU A 127 -1.41 18.93 7.42
N VAL A 128 -2.49 19.14 6.66
CA VAL A 128 -3.47 20.16 6.97
C VAL A 128 -4.85 19.59 7.26
N LEU A 129 -5.09 18.31 6.96
CA LEU A 129 -6.40 17.71 7.20
C LEU A 129 -6.72 17.67 8.70
N PRO A 130 -8.00 17.65 9.06
CA PRO A 130 -8.35 17.63 10.48
C PRO A 130 -8.01 16.30 11.14
N ASN A 131 -7.91 16.33 12.47
CA ASN A 131 -7.58 15.11 13.21
C ASN A 131 -8.65 14.04 13.04
N ARG A 132 -9.91 14.45 12.85
CA ARG A 132 -10.99 13.47 12.70
C ARG A 132 -10.75 12.57 11.50
N TYR A 133 -10.24 13.14 10.41
CA TYR A 133 -9.96 12.35 9.21
C TYR A 133 -9.00 11.21 9.51
N PHE A 134 -7.87 11.53 10.14
CA PHE A 134 -6.90 10.51 10.53
C PHE A 134 -7.52 9.55 11.54
N ASP A 135 -8.44 10.04 12.36
CA ASP A 135 -9.08 9.21 13.37
C ASP A 135 -9.97 8.15 12.72
N THR A 136 -10.75 8.53 11.71
CA THR A 136 -11.67 7.61 11.07
C THR A 136 -10.94 6.66 10.12
N HIS A 137 -10.17 7.21 9.19
CA HIS A 137 -9.45 6.37 8.24
C HIS A 137 -8.27 5.66 8.90
N SER A 138 -8.00 4.46 8.42
CA SER A 138 -6.86 3.69 8.91
C SER A 138 -5.58 4.11 8.18
N SER A 139 -4.45 3.84 8.83
CA SER A 139 -3.16 4.22 8.25
C SER A 139 -2.93 3.48 6.93
N GLY A 140 -3.34 2.22 6.84
CA GLY A 140 -3.18 1.48 5.60
C GLY A 140 -3.93 2.10 4.44
N HIS A 141 -5.16 2.58 4.70
CA HIS A 141 -5.90 3.30 3.68
C HIS A 141 -5.11 4.51 3.16
N LEU A 142 -4.61 5.34 4.07
CA LEU A 142 -4.01 6.62 3.67
C LEU A 142 -2.66 6.42 2.98
N ILE A 143 -1.87 5.45 3.42
CA ILE A 143 -0.56 5.24 2.83
C ILE A 143 -0.67 4.70 1.40
N SER A 144 -1.71 3.90 1.14
CA SER A 144 -1.87 3.32 -0.20
C SER A 144 -2.15 4.40 -1.24
N ARG A 145 -2.76 5.52 -0.83
CA ARG A 145 -3.10 6.58 -1.76
C ARG A 145 -1.88 7.31 -2.31
N ILE A 146 -0.80 7.41 -1.53
CA ILE A 146 0.35 8.21 -1.92
C ILE A 146 1.53 7.32 -2.31
N THR A 147 1.29 6.03 -2.52
CA THR A 147 2.37 5.13 -2.88
C THR A 147 2.01 4.27 -4.09
N PHE A 148 0.75 3.84 -4.17
CA PHE A 148 0.34 2.92 -5.23
C PHE A 148 -0.78 3.45 -6.09
N ASN A 149 -1.82 4.03 -5.48
CA ASN A 149 -2.95 4.53 -6.25
C ASN A 149 -2.51 5.59 -7.26
N VAL A 150 -1.63 6.50 -6.84
CA VAL A 150 -1.15 7.55 -7.75
C VAL A 150 -0.48 6.91 -8.96
N THR A 151 0.40 5.95 -8.72
CA THR A 151 1.12 5.29 -9.81
C THR A 151 0.16 4.58 -10.75
N MET A 152 -0.76 3.79 -10.20
CA MET A 152 -1.71 3.04 -11.02
C MET A 152 -2.57 3.98 -11.85
N VAL A 153 -3.19 4.98 -11.20
CA VAL A 153 -4.09 5.88 -11.91
C VAL A 153 -3.35 6.61 -13.02
N THR A 154 -2.20 7.18 -12.70
CA THR A 154 -1.44 7.93 -13.70
C THR A 154 -0.97 7.03 -14.83
N GLY A 155 -0.51 5.82 -14.48
CA GLY A 155 -0.05 4.90 -15.51
C GLY A 155 -1.14 4.53 -16.48
N ALA A 156 -2.33 4.21 -15.96
CA ALA A 156 -3.45 3.86 -16.83
C ALA A 156 -3.80 5.01 -17.76
N ALA A 157 -3.89 6.22 -17.21
CA ALA A 157 -4.19 7.39 -18.04
C ALA A 157 -3.11 7.61 -19.09
N THR A 158 -1.85 7.49 -18.70
CA THR A 158 -0.74 7.70 -19.64
C THR A 158 -0.81 6.71 -20.80
N ASP A 159 -1.01 5.43 -20.49
CA ASP A 159 -1.12 4.43 -21.55
C ASP A 159 -2.29 4.75 -22.48
N ALA A 160 -3.43 5.12 -21.91
CA ALA A 160 -4.59 5.46 -22.72
C ALA A 160 -4.29 6.64 -23.64
N ILE A 161 -3.68 7.70 -23.10
CA ILE A 161 -3.37 8.87 -23.91
C ILE A 161 -2.44 8.50 -25.05
N LYS A 162 -1.40 7.71 -24.76
CA LYS A 162 -0.46 7.33 -25.80
C LYS A 162 -1.16 6.56 -26.92
N VAL A 163 -2.01 5.59 -26.54
CA VAL A 163 -2.68 4.76 -27.54
C VAL A 163 -3.67 5.59 -28.35
N VAL A 164 -4.49 6.40 -27.67
CA VAL A 164 -5.51 7.16 -28.40
C VAL A 164 -4.84 8.15 -29.35
N ILE A 165 -3.75 8.79 -28.92
CA ILE A 165 -3.06 9.73 -29.78
C ILE A 165 -2.36 8.99 -30.93
N ARG A 166 -1.70 7.87 -30.63
CA ARG A 166 -0.96 7.16 -31.67
C ARG A 166 -1.89 6.42 -32.62
N GLU A 167 -2.88 5.69 -32.08
CA GLU A 167 -3.73 4.89 -32.94
C GLU A 167 -4.77 5.75 -33.65
N GLY A 168 -5.29 6.78 -32.97
CA GLY A 168 -6.21 7.68 -33.63
C GLY A 168 -5.58 8.36 -34.84
N LEU A 169 -4.37 8.89 -34.66
CA LEU A 169 -3.68 9.52 -35.79
C LEU A 169 -3.41 8.51 -36.89
N THR A 170 -2.93 7.32 -36.52
CA THR A 170 -2.62 6.30 -37.52
C THR A 170 -3.86 5.97 -38.36
N VAL A 171 -5.00 5.78 -37.70
CA VAL A 171 -6.24 5.49 -38.42
C VAL A 171 -6.60 6.65 -39.34
N VAL A 172 -6.49 7.88 -38.84
CA VAL A 172 -6.84 9.05 -39.65
C VAL A 172 -5.97 9.10 -40.90
N PHE A 173 -4.64 8.98 -40.72
CA PHE A 173 -3.74 9.04 -41.87
C PHE A 173 -4.05 7.94 -42.87
N LEU A 174 -4.27 6.71 -42.39
CA LEU A 174 -4.53 5.58 -43.28
C LEU A 174 -5.82 5.80 -44.07
N PHE A 175 -6.87 6.25 -43.39
CA PHE A 175 -8.14 6.47 -44.09
C PHE A 175 -8.00 7.58 -45.13
N LEU A 176 -7.25 8.63 -44.82
CA LEU A 176 -7.01 9.70 -45.78
C LEU A 176 -6.30 9.18 -47.02
N TYR A 177 -5.29 8.33 -46.84
CA TYR A 177 -4.58 7.75 -47.98
C TYR A 177 -5.51 6.88 -48.81
N LEU A 178 -6.33 6.06 -48.16
CA LEU A 178 -7.28 5.21 -48.87
C LEU A 178 -8.29 6.05 -49.64
N LEU A 179 -8.78 7.14 -49.02
CA LEU A 179 -9.72 8.02 -49.70
C LEU A 179 -9.08 8.66 -50.93
N TRP A 180 -7.80 9.03 -50.84
CA TRP A 180 -7.12 9.63 -51.97
C TRP A 180 -7.03 8.66 -53.14
N MET A 181 -6.60 7.42 -52.88
CA MET A 181 -6.43 6.45 -53.95
C MET A 181 -7.76 6.10 -54.61
N ASN A 182 -8.75 5.73 -53.80
CA ASN A 182 -10.08 5.44 -54.33
C ASN A 182 -11.09 5.71 -53.21
N TRP A 183 -11.75 6.87 -53.28
CA TRP A 183 -12.73 7.22 -52.28
C TRP A 183 -13.92 6.27 -52.32
N LYS A 184 -14.31 5.83 -53.52
CA LYS A 184 -15.49 4.98 -53.67
C LYS A 184 -15.36 3.71 -52.85
N LEU A 185 -14.25 3.00 -53.00
CA LEU A 185 -14.05 1.75 -52.26
C LEU A 185 -13.86 2.00 -50.77
N THR A 186 -13.23 3.12 -50.40
CA THR A 186 -12.98 3.42 -48.99
C THR A 186 -14.28 3.52 -48.21
N LEU A 187 -15.40 3.80 -48.88
CA LEU A 187 -16.68 3.89 -48.22
C LEU A 187 -17.04 2.59 -47.50
N VAL A 188 -16.64 1.45 -48.08
CA VAL A 188 -16.90 0.16 -47.44
C VAL A 188 -16.24 0.11 -46.07
N MET A 189 -14.97 0.51 -46.00
CA MET A 189 -14.27 0.56 -44.72
C MET A 189 -14.89 1.60 -43.80
N LEU A 190 -15.40 2.70 -44.35
CA LEU A 190 -16.02 3.72 -43.52
C LEU A 190 -17.27 3.18 -42.83
N ALA A 191 -17.99 2.28 -43.48
CA ALA A 191 -19.24 1.76 -42.93
C ALA A 191 -19.02 0.92 -41.68
N ILE A 192 -17.82 0.38 -41.49
CA ILE A 192 -17.56 -0.44 -40.31
C ILE A 192 -17.38 0.44 -39.08
N LEU A 193 -16.96 1.68 -39.27
CA LEU A 193 -16.77 2.60 -38.15
C LEU A 193 -18.03 2.73 -37.30
N PRO A 194 -19.23 2.95 -37.86
CA PRO A 194 -20.44 2.95 -37.01
C PRO A 194 -20.63 1.67 -36.22
N VAL A 195 -20.38 0.51 -36.83
CA VAL A 195 -20.58 -0.75 -36.14
C VAL A 195 -19.62 -0.86 -34.96
N ILE A 196 -18.34 -0.53 -35.19
CA ILE A 196 -17.36 -0.60 -34.12
C ILE A 196 -17.75 0.32 -32.98
N ALA A 197 -18.24 1.51 -33.30
CA ALA A 197 -18.62 2.47 -32.25
C ALA A 197 -19.70 1.90 -31.35
N VAL A 198 -20.72 1.27 -31.93
CA VAL A 198 -21.80 0.68 -31.14
C VAL A 198 -21.25 -0.39 -30.21
N MET A 199 -20.38 -1.25 -30.74
CA MET A 199 -19.82 -2.33 -29.93
C MET A 199 -18.97 -1.79 -28.78
N VAL A 200 -18.18 -0.75 -29.04
CA VAL A 200 -17.37 -0.13 -27.99
C VAL A 200 -18.27 0.39 -26.87
N THR A 201 -19.38 1.04 -27.25
CA THR A 201 -20.28 1.60 -26.26
C THR A 201 -20.85 0.53 -25.35
N THR A 202 -21.34 -0.57 -25.93
CA THR A 202 -21.93 -1.64 -25.14
C THR A 202 -20.90 -2.24 -24.19
N ALA A 203 -19.69 -2.49 -24.70
CA ALA A 203 -18.64 -3.11 -23.87
C ALA A 203 -18.27 -2.20 -22.70
N SER A 204 -18.18 -0.89 -22.93
CA SER A 204 -17.83 0.03 -21.87
C SER A 204 -18.84 0.00 -20.74
N ARG A 205 -20.14 -0.07 -21.08
CA ARG A 205 -21.19 -0.16 -20.07
C ARG A 205 -20.95 -1.36 -19.16
N LYS A 206 -20.58 -2.49 -19.75
CA LYS A 206 -20.28 -3.68 -18.96
C LYS A 206 -19.03 -3.47 -18.12
N PHE A 207 -17.97 -2.94 -18.72
CA PHE A 207 -16.71 -2.75 -18.02
C PHE A 207 -16.89 -1.89 -16.78
N ARG A 208 -17.65 -0.79 -16.89
CA ARG A 208 -17.79 0.11 -15.75
C ARG A 208 -18.49 -0.59 -14.59
N LYS A 209 -19.56 -1.33 -14.88
CA LYS A 209 -20.30 -2.04 -13.84
C LYS A 209 -19.42 -3.05 -13.14
N GLN A 210 -18.70 -3.86 -13.91
CA GLN A 210 -17.81 -4.86 -13.34
C GLN A 210 -16.69 -4.21 -12.55
N SER A 211 -16.19 -3.07 -13.02
CA SER A 211 -15.13 -2.36 -12.32
C SER A 211 -15.57 -1.92 -10.94
N LYS A 212 -16.82 -1.48 -10.81
CA LYS A 212 -17.37 -1.12 -9.50
C LYS A 212 -17.27 -2.32 -8.55
N LYS A 213 -17.69 -3.49 -9.03
CA LYS A 213 -17.69 -4.69 -8.20
C LYS A 213 -16.28 -5.07 -7.78
N ILE A 214 -15.35 -5.09 -8.73
CA ILE A 214 -13.97 -5.48 -8.42
C ILE A 214 -13.38 -4.51 -7.40
N GLN A 215 -13.73 -3.22 -7.52
CA GLN A 215 -13.20 -2.22 -6.60
C GLN A 215 -13.58 -2.52 -5.16
N VAL A 216 -14.86 -2.81 -4.91
CA VAL A 216 -15.30 -3.04 -3.54
C VAL A 216 -14.66 -4.29 -2.97
N ALA A 217 -14.50 -5.33 -3.81
CA ALA A 217 -13.90 -6.58 -3.35
C ALA A 217 -12.45 -6.37 -2.94
N MET A 218 -11.70 -5.62 -3.76
CA MET A 218 -10.31 -5.34 -3.43
C MET A 218 -10.19 -4.60 -2.11
N GLY A 219 -11.10 -3.65 -1.86
CA GLY A 219 -11.08 -2.93 -0.60
C GLY A 219 -11.28 -3.83 0.61
N ASP A 220 -12.16 -4.83 0.48
CA ASP A 220 -12.38 -5.77 1.57
C ASP A 220 -11.12 -6.58 1.86
N VAL A 221 -10.39 -6.96 0.81
CA VAL A 221 -9.12 -7.67 0.98
C VAL A 221 -8.17 -6.84 1.82
N THR A 222 -8.02 -5.56 1.49
CA THR A 222 -7.13 -4.68 2.23
C THR A 222 -7.57 -4.56 3.67
N HIS A 223 -8.87 -4.50 3.92
CA HIS A 223 -9.37 -4.28 5.26
C HIS A 223 -9.03 -5.46 6.17
N VAL A 224 -9.27 -6.69 5.68
CA VAL A 224 -8.95 -7.88 6.47
C VAL A 224 -7.46 -7.93 6.78
N ALA A 225 -6.63 -7.59 5.78
CA ALA A 225 -5.19 -7.57 6.00
C ALA A 225 -4.79 -6.52 7.03
N SER A 226 -5.37 -5.32 6.93
CA SER A 226 -5.02 -4.25 7.85
C SER A 226 -5.38 -4.63 9.29
N GLU A 227 -6.57 -5.19 9.49
CA GLU A 227 -7.00 -5.59 10.82
C GLU A 227 -6.07 -6.64 11.43
N THR A 228 -5.33 -7.37 10.60
CA THR A 228 -4.44 -8.43 11.06
C THR A 228 -3.02 -7.94 11.29
N ILE A 229 -2.47 -7.13 10.38
CA ILE A 229 -1.11 -6.64 10.48
C ILE A 229 -1.01 -5.58 11.59
N GLN A 230 -2.16 -5.20 12.13
CA GLN A 230 -2.21 -4.20 13.19
C GLN A 230 -2.54 -4.78 14.56
N GLY A 231 -3.36 -5.82 14.62
CA GLY A 231 -3.70 -6.45 15.88
C GLY A 231 -3.21 -7.88 15.96
N TYR A 232 -1.99 -8.12 15.49
CA TYR A 232 -1.45 -9.49 15.47
C TYR A 232 -1.40 -10.08 16.87
N ARG A 233 -1.06 -9.27 17.87
CA ARG A 233 -0.95 -9.78 19.23
C ARG A 233 -2.30 -10.30 19.74
N VAL A 234 -3.38 -9.57 19.45
CA VAL A 234 -4.70 -10.02 19.89
C VAL A 234 -5.09 -11.32 19.19
N VAL A 235 -4.77 -11.42 17.90
CA VAL A 235 -5.08 -12.63 17.14
C VAL A 235 -4.32 -13.83 17.70
N ARG A 236 -3.04 -13.64 18.03
CA ARG A 236 -2.24 -14.72 18.60
C ARG A 236 -2.76 -15.15 19.97
N SER A 237 -3.11 -14.18 20.83
CA SER A 237 -3.39 -14.50 22.22
C SER A 237 -4.79 -15.05 22.42
N PHE A 238 -5.80 -14.45 21.78
CA PHE A 238 -7.19 -14.83 21.96
C PHE A 238 -7.70 -15.71 20.83
N GLY A 239 -6.80 -16.39 20.12
CA GLY A 239 -7.22 -17.16 18.97
C GLY A 239 -7.69 -16.23 17.87
N GLY A 240 -8.32 -16.85 16.87
CA GLY A 240 -8.83 -16.11 15.72
C GLY A 240 -8.02 -16.27 14.45
N GLU A 241 -6.94 -17.06 14.48
CA GLU A 241 -6.23 -17.35 13.24
C GLU A 241 -7.16 -18.01 12.23
N ALA A 242 -8.00 -18.95 12.70
CA ALA A 242 -8.99 -19.57 11.83
C ALA A 242 -10.01 -18.56 11.34
N TYR A 243 -10.51 -17.72 12.25
CA TYR A 243 -11.49 -16.70 11.86
C TYR A 243 -10.90 -15.75 10.83
N GLU A 244 -9.68 -15.26 11.09
CA GLU A 244 -9.06 -14.29 10.18
C GLU A 244 -8.73 -14.93 8.84
N GLU A 245 -8.21 -16.16 8.85
CA GLU A 245 -7.86 -16.82 7.59
C GLU A 245 -9.11 -17.05 6.74
N LYS A 246 -10.23 -17.42 7.38
CA LYS A 246 -11.47 -17.63 6.64
C LYS A 246 -11.92 -16.35 5.98
N ARG A 247 -11.86 -15.23 6.70
CA ARG A 247 -12.27 -13.95 6.14
C ARG A 247 -11.43 -13.58 4.94
N PHE A 248 -10.11 -13.72 5.05
CA PHE A 248 -9.23 -13.35 3.94
C PHE A 248 -9.50 -14.24 2.73
N LEU A 249 -9.71 -15.53 2.96
CA LEU A 249 -9.98 -16.45 1.86
C LEU A 249 -11.24 -16.04 1.11
N ASP A 250 -12.33 -15.77 1.84
CA ASP A 250 -13.57 -15.35 1.20
C ASP A 250 -13.37 -14.06 0.41
N ALA A 251 -12.67 -13.09 1.01
CA ALA A 251 -12.42 -11.82 0.34
C ALA A 251 -11.62 -12.02 -0.94
N SER A 252 -10.54 -12.79 -0.86
CA SER A 252 -9.70 -13.02 -2.04
C SER A 252 -10.47 -13.77 -3.13
N GLN A 253 -11.29 -14.74 -2.74
CA GLN A 253 -12.08 -15.48 -3.72
C GLN A 253 -12.99 -14.55 -4.50
N SER A 254 -13.66 -13.63 -3.82
CA SER A 254 -14.55 -12.69 -4.49
C SER A 254 -13.79 -11.82 -5.48
N ASN A 255 -12.64 -11.29 -5.08
CA ASN A 255 -11.87 -10.43 -5.97
C ASN A 255 -11.46 -11.18 -7.23
N THR A 256 -10.96 -12.40 -7.07
CA THR A 256 -10.53 -13.19 -8.23
C THR A 256 -11.70 -13.47 -9.16
N ASP A 257 -12.84 -13.89 -8.61
CA ASP A 257 -14.01 -14.19 -9.43
C ASP A 257 -14.45 -12.96 -10.22
N LYS A 258 -14.54 -11.81 -9.55
CA LYS A 258 -14.94 -10.58 -10.22
C LYS A 258 -13.93 -10.18 -11.29
N GLN A 259 -12.65 -10.31 -10.99
CA GLN A 259 -11.61 -9.94 -11.96
C GLN A 259 -11.68 -10.85 -13.19
N LEU A 260 -11.94 -12.14 -12.99
CA LEU A 260 -12.06 -13.05 -14.12
C LEU A 260 -13.25 -12.67 -15.01
N ARG A 261 -14.36 -12.28 -14.38
CA ARG A 261 -15.55 -11.86 -15.12
C ARG A 261 -15.22 -10.74 -16.11
N MET A 262 -14.32 -9.83 -15.73
CA MET A 262 -13.94 -8.76 -16.64
C MET A 262 -13.02 -9.26 -17.75
N THR A 263 -12.18 -10.25 -17.45
CA THR A 263 -11.28 -10.81 -18.46
C THR A 263 -12.06 -11.49 -19.58
N LYS A 264 -13.10 -12.27 -19.22
CA LYS A 264 -13.88 -12.97 -20.22
C LYS A 264 -14.53 -12.01 -21.20
N THR A 265 -15.08 -10.89 -20.69
CA THR A 265 -15.71 -9.91 -21.56
C THR A 265 -14.72 -9.35 -22.58
N GLY A 266 -13.52 -8.99 -22.11
CA GLY A 266 -12.51 -8.49 -23.03
C GLY A 266 -12.01 -9.56 -23.98
N ALA A 267 -11.92 -10.81 -23.52
CA ALA A 267 -11.44 -11.89 -24.37
C ALA A 267 -12.38 -12.18 -25.53
N VAL A 268 -13.61 -11.68 -25.48
CA VAL A 268 -14.56 -11.84 -26.57
C VAL A 268 -14.69 -10.51 -27.31
N TYR A 269 -14.46 -9.41 -26.58
CA TYR A 269 -14.60 -8.07 -27.15
C TYR A 269 -13.60 -7.84 -28.28
N THR A 270 -12.31 -8.05 -27.99
CA THR A 270 -11.28 -7.82 -29.00
C THR A 270 -11.44 -8.70 -30.23
N PRO A 271 -11.62 -10.03 -30.10
CA PRO A 271 -11.76 -10.85 -31.33
C PRO A 271 -12.92 -10.45 -32.21
N MET A 272 -14.06 -10.08 -31.61
CA MET A 272 -15.23 -9.71 -32.41
C MET A 272 -14.92 -8.51 -33.31
N LEU A 273 -14.32 -7.47 -32.74
CA LEU A 273 -14.02 -6.28 -33.51
C LEU A 273 -13.08 -6.59 -34.66
N GLN A 274 -12.06 -7.43 -34.40
CA GLN A 274 -11.14 -7.81 -35.46
C GLN A 274 -11.87 -8.55 -36.57
N LEU A 275 -12.82 -9.42 -36.21
CA LEU A 275 -13.61 -10.13 -37.22
C LEU A 275 -14.39 -9.16 -38.09
N VAL A 276 -14.96 -8.12 -37.48
CA VAL A 276 -15.71 -7.12 -38.24
C VAL A 276 -14.80 -6.47 -39.28
N ILE A 277 -13.59 -6.08 -38.88
CA ILE A 277 -12.65 -5.45 -39.80
C ILE A 277 -12.31 -6.38 -40.95
N TYR A 278 -11.99 -7.63 -40.63
CA TYR A 278 -11.55 -8.57 -41.65
C TYR A 278 -12.72 -8.96 -42.57
N VAL A 279 -13.94 -9.03 -42.04
CA VAL A 279 -15.10 -9.24 -42.89
C VAL A 279 -15.22 -8.12 -43.92
N ALA A 280 -15.06 -6.88 -43.46
CA ALA A 280 -15.08 -5.74 -44.37
C ALA A 280 -13.94 -5.80 -45.37
N MET A 281 -12.75 -6.17 -44.91
CA MET A 281 -11.61 -6.31 -45.82
C MET A 281 -11.90 -7.35 -46.89
N ALA A 282 -12.55 -8.46 -46.51
CA ALA A 282 -12.92 -9.48 -47.48
C ALA A 282 -13.83 -8.90 -48.56
N ILE A 283 -14.83 -8.12 -48.15
CA ILE A 283 -15.74 -7.51 -49.12
C ILE A 283 -14.97 -6.63 -50.09
N LEU A 284 -14.08 -5.79 -49.56
CA LEU A 284 -13.31 -4.87 -50.40
C LEU A 284 -12.50 -5.64 -51.45
N MET A 285 -11.84 -6.72 -51.03
CA MET A 285 -11.02 -7.50 -51.95
C MET A 285 -11.87 -8.15 -53.03
N PHE A 286 -13.08 -8.62 -52.69
CA PHE A 286 -13.97 -9.15 -53.71
C PHE A 286 -14.27 -8.11 -54.78
N LEU A 287 -14.55 -6.88 -54.35
CA LEU A 287 -14.88 -5.81 -55.28
C LEU A 287 -13.71 -5.53 -56.22
N VAL A 288 -12.50 -5.46 -55.66
CA VAL A 288 -11.31 -5.17 -56.48
C VAL A 288 -11.09 -6.28 -57.50
N LEU A 289 -11.18 -7.54 -57.04
CA LEU A 289 -10.97 -8.67 -57.94
C LEU A 289 -12.08 -8.75 -58.98
N TRP A 290 -13.32 -8.47 -58.59
CA TRP A 290 -14.45 -8.58 -59.51
C TRP A 290 -14.49 -7.41 -60.48
N LEU A 291 -14.67 -6.20 -59.96
CA LEU A 291 -14.80 -4.99 -60.77
C LEU A 291 -13.45 -4.30 -60.85
N ARG A 292 -12.55 -4.88 -61.65
CA ARG A 292 -11.21 -4.32 -61.81
C ARG A 292 -11.20 -3.36 -62.99
N GLY A 293 -10.65 -2.17 -62.77
CA GLY A 293 -10.54 -1.16 -63.80
C GLY A 293 -9.20 -1.23 -64.53
N ASP A 294 -8.66 -0.06 -64.86
CA ASP A 294 -7.35 0.04 -65.47
C ASP A 294 -6.25 0.34 -64.46
N ALA A 295 -6.57 0.30 -63.16
CA ALA A 295 -5.58 0.56 -62.13
C ALA A 295 -4.46 -0.48 -62.20
N SER A 296 -3.23 -0.01 -61.98
CA SER A 296 -2.08 -0.91 -62.00
C SER A 296 -2.13 -1.87 -60.81
N ALA A 297 -1.47 -3.01 -60.97
CA ALA A 297 -1.39 -3.97 -59.88
C ALA A 297 -0.77 -3.35 -58.64
N GLY A 298 0.27 -2.53 -58.83
CA GLY A 298 0.89 -1.86 -57.69
C GLY A 298 -0.06 -0.95 -56.95
N ASP A 299 -0.89 -0.19 -57.69
CA ASP A 299 -1.89 0.65 -57.05
C ASP A 299 -2.82 -0.17 -56.16
N LEU A 300 -3.32 -1.29 -56.69
CA LEU A 300 -4.23 -2.14 -55.93
C LEU A 300 -3.52 -2.77 -54.75
N VAL A 301 -2.28 -3.21 -54.92
CA VAL A 301 -1.54 -3.83 -53.83
C VAL A 301 -1.36 -2.86 -52.68
N ALA A 302 -1.01 -1.61 -53.00
CA ALA A 302 -0.82 -0.60 -51.96
C ALA A 302 -2.11 -0.36 -51.19
N TYR A 303 -3.25 -0.31 -51.89
CA TYR A 303 -4.53 -0.06 -51.25
C TYR A 303 -4.87 -1.18 -50.26
N ILE A 304 -4.71 -2.43 -50.69
CA ILE A 304 -4.99 -3.58 -49.82
C ILE A 304 -4.02 -3.59 -48.65
N THR A 305 -2.74 -3.30 -48.91
CA THR A 305 -1.75 -3.29 -47.84
C THR A 305 -2.10 -2.24 -46.78
N ALA A 306 -2.51 -1.05 -47.22
CA ALA A 306 -2.89 0.00 -46.27
C ALA A 306 -4.10 -0.41 -45.44
N ALA A 307 -5.07 -1.06 -46.08
CA ALA A 307 -6.26 -1.51 -45.35
C ALA A 307 -5.90 -2.54 -44.28
N GLY A 308 -4.96 -3.43 -44.59
CA GLY A 308 -4.51 -4.42 -43.63
C GLY A 308 -3.76 -3.83 -42.45
N LEU A 309 -3.39 -2.55 -42.51
CA LEU A 309 -2.74 -1.87 -41.41
C LEU A 309 -3.73 -1.20 -40.46
N LEU A 310 -5.03 -1.33 -40.73
CA LEU A 310 -6.11 -0.84 -39.89
C LEU A 310 -6.44 -1.79 -38.73
N PRO A 311 -6.46 -3.12 -38.92
CA PRO A 311 -6.81 -4.01 -37.79
C PRO A 311 -5.90 -3.86 -36.58
N LYS A 312 -4.59 -3.70 -36.79
CA LYS A 312 -3.66 -3.59 -35.67
C LYS A 312 -4.02 -2.42 -34.75
N PRO A 313 -4.16 -1.18 -35.23
CA PRO A 313 -4.48 -0.07 -34.31
C PRO A 313 -5.78 -0.26 -33.57
N ILE A 314 -6.80 -0.82 -34.21
CA ILE A 314 -8.10 -1.01 -33.57
C ILE A 314 -7.98 -1.99 -32.41
N ARG A 315 -7.17 -3.05 -32.58
CA ARG A 315 -6.94 -4.00 -31.51
C ARG A 315 -6.36 -3.32 -30.27
N GLN A 316 -5.34 -2.47 -30.48
CA GLN A 316 -4.70 -1.81 -29.35
C GLN A 316 -5.68 -0.89 -28.63
N LEU A 317 -6.51 -0.17 -29.39
CA LEU A 317 -7.54 0.67 -28.79
C LEU A 317 -8.53 -0.17 -27.99
N SER A 318 -8.92 -1.33 -28.53
CA SER A 318 -9.85 -2.20 -27.82
C SER A 318 -9.28 -2.65 -26.49
N GLU A 319 -7.98 -2.94 -26.45
CA GLU A 319 -7.34 -3.41 -25.23
C GLU A 319 -7.32 -2.33 -24.15
N VAL A 320 -7.03 -1.08 -24.53
CA VAL A 320 -6.97 -0.02 -23.52
C VAL A 320 -8.36 0.37 -23.05
N SER A 321 -9.42 -0.03 -23.77
CA SER A 321 -10.78 0.34 -23.38
C SER A 321 -11.12 -0.17 -21.99
N SER A 322 -10.51 -1.27 -21.56
CA SER A 322 -10.76 -1.82 -20.23
C SER A 322 -9.81 -1.24 -19.19
N THR A 323 -8.56 -0.97 -19.58
CA THR A 323 -7.57 -0.46 -18.63
C THR A 323 -8.02 0.87 -18.03
N VAL A 324 -8.59 1.75 -18.85
CA VAL A 324 -9.04 3.05 -18.38
C VAL A 324 -10.14 2.87 -17.33
N GLN A 325 -11.10 1.99 -17.62
CA GLN A 325 -12.21 1.76 -16.70
C GLN A 325 -11.75 1.13 -15.39
N ARG A 326 -10.54 0.58 -15.34
CA ARG A 326 -10.06 -0.06 -14.13
C ARG A 326 -9.32 0.91 -13.21
N GLY A 327 -8.75 1.97 -13.77
CA GLY A 327 -8.07 2.97 -12.97
C GLY A 327 -8.94 4.08 -12.44
N VAL A 328 -10.21 4.15 -12.86
CA VAL A 328 -11.08 5.24 -12.42
C VAL A 328 -11.30 5.18 -10.92
N ALA A 329 -11.43 3.97 -10.36
CA ALA A 329 -11.73 3.81 -8.94
C ALA A 329 -10.68 4.53 -8.08
N GLY A 330 -9.40 4.32 -8.38
CA GLY A 330 -8.36 4.98 -7.61
C GLY A 330 -8.40 6.48 -7.75
N ALA A 331 -8.68 6.98 -8.96
CA ALA A 331 -8.74 8.42 -9.18
C ALA A 331 -9.80 9.08 -8.30
N GLU A 332 -10.93 8.40 -8.13
CA GLU A 332 -12.00 8.93 -7.27
C GLU A 332 -11.50 9.17 -5.85
N SER A 333 -10.74 8.21 -5.30
CA SER A 333 -10.21 8.37 -3.95
C SER A 333 -9.15 9.47 -3.89
N ILE A 334 -8.25 9.51 -4.87
CA ILE A 334 -7.19 10.51 -4.87
C ILE A 334 -7.79 11.92 -4.92
N PHE A 335 -8.77 12.12 -5.78
CA PHE A 335 -9.39 13.43 -5.93
C PHE A 335 -10.48 13.68 -4.90
N GLU A 336 -10.62 12.78 -3.91
CA GLU A 336 -11.51 12.98 -2.78
C GLU A 336 -10.76 13.56 -1.57
N GLN A 337 -9.58 13.00 -1.25
CA GLN A 337 -8.76 13.56 -0.20
C GLN A 337 -8.33 14.99 -0.53
N LEU A 338 -7.98 15.24 -1.79
CA LEU A 338 -7.58 16.57 -2.22
C LEU A 338 -8.72 17.58 -2.09
N ASP A 339 -9.97 17.10 -2.12
CA ASP A 339 -11.14 17.96 -1.93
C ASP A 339 -11.63 17.98 -0.49
N GLU A 340 -11.07 17.15 0.39
CA GLU A 340 -11.47 17.12 1.78
C GLU A 340 -11.24 18.48 2.43
N ALA A 341 -12.16 18.90 3.29
CA ALA A 341 -12.01 20.18 3.97
C ALA A 341 -10.83 20.12 4.94
N ALA A 342 -10.08 21.22 5.01
CA ALA A 342 -8.92 21.33 5.89
C ALA A 342 -9.32 22.04 7.18
N GLU A 343 -8.39 22.04 8.14
CA GLU A 343 -8.62 22.73 9.40
C GLU A 343 -8.81 24.23 9.16
N GLU A 344 -9.74 24.83 9.90
CA GLU A 344 -10.02 26.26 9.73
C GLU A 344 -8.88 27.07 10.34
N ASP A 345 -8.26 27.92 9.53
CA ASP A 345 -7.13 28.75 9.97
C ASP A 345 -7.28 30.17 9.44
N GLN A 346 -8.43 30.79 9.70
CA GLN A 346 -8.71 32.14 9.24
C GLN A 346 -8.13 33.23 10.15
N GLY A 347 -7.41 32.86 11.20
CA GLY A 347 -6.81 33.85 12.07
C GLY A 347 -5.58 34.49 11.45
N THR A 348 -5.15 35.60 12.06
CA THR A 348 -4.02 36.36 11.52
C THR A 348 -2.98 36.70 12.60
N VAL A 349 -3.43 36.76 13.86
CA VAL A 349 -2.53 37.12 14.96
C VAL A 349 -1.35 36.17 15.00
N GLU A 350 -0.14 36.73 15.15
CA GLU A 350 1.05 35.89 15.26
C GLU A 350 2.03 36.54 16.26
N LYS A 351 1.85 36.24 17.54
CA LYS A 351 2.74 36.79 18.56
C LYS A 351 4.00 35.96 18.66
N GLU A 352 5.11 36.61 19.00
CA GLU A 352 6.37 35.86 19.17
C GLU A 352 6.35 35.05 20.46
N ARG A 353 5.85 35.63 21.55
CA ARG A 353 5.76 34.95 22.83
C ARG A 353 4.50 35.40 23.55
N VAL A 354 4.01 34.55 24.46
CA VAL A 354 2.80 34.85 25.22
C VAL A 354 3.09 34.66 26.70
N SER A 355 2.32 35.36 27.54
CA SER A 355 2.55 35.27 28.98
C SER A 355 2.18 33.88 29.50
N GLY A 356 1.11 33.30 28.98
CA GLY A 356 0.66 31.98 29.41
C GLY A 356 -0.68 31.96 30.09
N ARG A 357 -1.36 33.09 30.20
CA ARG A 357 -2.68 33.14 30.84
C ARG A 357 -3.71 32.47 29.93
N LEU A 358 -4.42 31.47 30.46
CA LEU A 358 -5.43 30.74 29.71
C LEU A 358 -6.77 30.82 30.44
N GLU A 359 -7.80 31.26 29.74
CA GLU A 359 -9.14 31.43 30.31
C GLU A 359 -10.17 30.74 29.44
N VAL A 360 -11.03 29.95 30.07
CA VAL A 360 -12.14 29.25 29.41
C VAL A 360 -13.44 29.78 30.01
N ARG A 361 -14.39 30.15 29.14
CA ARG A 361 -15.62 30.81 29.56
C ARG A 361 -16.82 30.14 28.91
N ASN A 362 -17.61 29.43 29.72
CA ASN A 362 -18.85 28.79 29.28
C ASN A 362 -18.64 27.93 28.03
N LEU A 363 -17.60 27.11 28.06
CA LEU A 363 -17.24 26.27 26.93
C LEU A 363 -18.04 24.97 26.97
N SER A 364 -18.76 24.68 25.88
CA SER A 364 -19.53 23.45 25.75
C SER A 364 -19.23 22.83 24.39
N PHE A 365 -18.91 21.54 24.37
CA PHE A 365 -18.49 20.86 23.16
C PHE A 365 -19.18 19.52 23.03
N ARG A 366 -19.48 19.14 21.79
CA ARG A 366 -20.04 17.83 21.48
C ARG A 366 -19.32 17.30 20.25
N TYR A 367 -18.75 16.10 20.36
CA TYR A 367 -17.95 15.56 19.26
C TYR A 367 -18.76 15.54 17.97
N PRO A 368 -18.18 15.96 16.84
CA PRO A 368 -18.96 16.07 15.60
C PRO A 368 -19.49 14.71 15.15
N GLY A 369 -20.77 14.68 14.81
CA GLY A 369 -21.43 13.45 14.46
C GLY A 369 -22.06 12.69 15.62
N THR A 370 -22.17 13.31 16.79
CA THR A 370 -22.75 12.71 17.97
C THR A 370 -23.74 13.69 18.59
N ASP A 371 -24.53 13.20 19.54
CA ASP A 371 -25.49 14.03 20.26
C ASP A 371 -25.20 14.11 21.75
N LYS A 372 -24.15 13.47 22.23
CA LYS A 372 -23.78 13.54 23.64
C LYS A 372 -22.96 14.79 23.92
N GLN A 373 -23.29 15.49 25.00
CA GLN A 373 -22.56 16.70 25.38
C GLN A 373 -21.41 16.28 26.28
N VAL A 374 -20.22 16.14 25.69
CA VAL A 374 -19.06 15.69 26.45
C VAL A 374 -18.76 16.68 27.58
N LEU A 375 -18.84 17.97 27.29
CA LEU A 375 -18.54 19.02 28.25
C LEU A 375 -19.58 20.12 28.10
N ASP A 376 -19.98 20.73 29.22
CA ASP A 376 -20.95 21.82 29.18
C ASP A 376 -20.71 22.79 30.34
N ASP A 377 -20.67 24.08 30.02
CA ASP A 377 -20.54 25.16 31.01
C ASP A 377 -19.30 24.97 31.89
N ILE A 378 -18.14 25.10 31.26
CA ILE A 378 -16.85 24.97 31.92
C ILE A 378 -16.14 26.32 31.88
N SER A 379 -15.79 26.84 33.06
CA SER A 379 -15.10 28.13 33.17
C SER A 379 -13.96 28.04 34.17
N PHE A 380 -12.77 28.48 33.75
CA PHE A 380 -11.61 28.51 34.63
C PHE A 380 -10.56 29.45 34.05
N ILE A 381 -9.87 30.18 34.93
CA ILE A 381 -8.85 31.15 34.55
C ILE A 381 -7.50 30.68 35.08
N ALA A 382 -6.51 30.62 34.20
CA ALA A 382 -5.15 30.26 34.56
C ALA A 382 -4.23 31.45 34.32
N GLU A 383 -3.28 31.65 35.22
CA GLU A 383 -2.34 32.76 35.16
C GLU A 383 -0.90 32.24 35.15
N PRO A 384 0.05 33.04 34.67
CA PRO A 384 1.45 32.59 34.65
C PRO A 384 1.94 32.25 36.05
N GLY A 385 2.73 31.17 36.13
CA GLY A 385 3.24 30.71 37.41
C GLY A 385 2.24 29.98 38.27
N GLN A 386 1.08 29.63 37.73
CA GLN A 386 0.03 28.94 38.46
C GLN A 386 -0.11 27.51 37.96
N MET A 387 -0.42 26.60 38.87
CA MET A 387 -0.55 25.18 38.55
C MET A 387 -2.02 24.77 38.64
N ILE A 388 -2.52 24.16 37.57
CA ILE A 388 -3.92 23.76 37.48
C ILE A 388 -3.94 22.24 37.29
N ALA A 389 -4.67 21.54 38.15
CA ALA A 389 -4.80 20.09 38.08
C ALA A 389 -6.24 19.71 37.75
N LEU A 390 -6.40 18.65 36.97
CA LEU A 390 -7.70 18.17 36.55
C LEU A 390 -7.88 16.72 37.00
N VAL A 391 -9.01 16.44 37.65
CA VAL A 391 -9.36 15.10 38.07
C VAL A 391 -10.79 14.81 37.63
N GLY A 392 -11.08 13.53 37.47
CA GLY A 392 -12.36 13.13 36.95
C GLY A 392 -12.65 11.67 37.21
N ARG A 393 -13.65 11.16 36.51
CA ARG A 393 -14.13 9.77 36.66
C ARG A 393 -14.08 9.08 35.30
N SER A 394 -12.90 8.60 34.92
CA SER A 394 -12.68 7.72 33.77
C SER A 394 -13.60 8.07 32.59
N GLY A 395 -13.48 9.30 32.13
CA GLY A 395 -14.29 9.73 31.00
C GLY A 395 -15.14 10.96 31.26
N SER A 396 -14.75 11.77 32.24
CA SER A 396 -15.50 12.99 32.53
C SER A 396 -15.31 14.06 31.47
N GLY A 397 -14.25 13.96 30.66
CA GLY A 397 -14.00 14.94 29.62
C GLY A 397 -12.70 15.69 29.84
N LYS A 398 -11.85 15.15 30.71
CA LYS A 398 -10.57 15.79 31.02
C LYS A 398 -9.68 15.86 29.78
N SER A 399 -9.61 14.76 29.01
CA SER A 399 -8.81 14.74 27.80
C SER A 399 -9.45 15.51 26.65
N THR A 400 -10.78 15.67 26.67
CA THR A 400 -11.46 16.42 25.62
C THR A 400 -11.23 17.92 25.78
N LEU A 401 -11.27 18.42 27.02
CA LEU A 401 -11.05 19.84 27.25
C LEU A 401 -9.62 20.26 26.94
N ALA A 402 -8.65 19.39 27.24
CA ALA A 402 -7.25 19.70 26.99
C ALA A 402 -6.89 19.65 25.51
N ASN A 403 -7.71 19.02 24.68
CA ASN A 403 -7.47 18.94 23.24
C ASN A 403 -8.17 20.05 22.48
N LEU A 404 -8.84 20.97 23.18
CA LEU A 404 -9.46 22.12 22.55
C LEU A 404 -8.56 23.35 22.60
N VAL A 405 -7.72 23.47 23.63
CA VAL A 405 -6.71 24.52 23.67
C VAL A 405 -5.76 24.45 22.47
N PRO A 406 -5.19 23.29 22.12
CA PRO A 406 -4.39 23.22 20.90
C PRO A 406 -5.22 23.29 19.63
N ARG A 407 -6.54 23.40 19.76
CA ARG A 407 -7.46 23.50 18.63
C ARG A 407 -7.42 22.25 17.76
N PHE A 408 -7.21 21.08 18.38
CA PHE A 408 -7.29 19.83 17.65
C PHE A 408 -8.72 19.57 17.19
N TYR A 409 -9.69 19.96 18.00
CA TYR A 409 -11.11 19.87 17.66
C TYR A 409 -11.73 21.25 17.82
N GLN A 410 -12.54 21.65 16.86
CA GLN A 410 -13.12 23.00 16.85
C GLN A 410 -14.25 23.11 17.86
N HIS A 411 -14.28 24.23 18.58
CA HIS A 411 -15.34 24.49 19.55
C HIS A 411 -16.25 25.58 19.01
N ASN A 412 -17.55 25.43 19.26
CA ASN A 412 -18.54 26.39 18.78
C ASN A 412 -19.13 27.26 19.88
N ASP A 413 -19.38 26.71 21.07
CA ASP A 413 -19.91 27.47 22.19
C ASP A 413 -18.79 27.76 23.18
N GLY A 414 -18.83 28.95 23.79
CA GLY A 414 -17.80 29.34 24.74
C GLY A 414 -16.60 29.99 24.07
N LYS A 415 -15.65 30.38 24.92
CA LYS A 415 -14.47 31.12 24.46
C LYS A 415 -13.23 30.62 25.18
N ILE A 416 -12.22 30.21 24.41
CA ILE A 416 -10.91 29.81 24.95
C ILE A 416 -9.91 30.88 24.58
N LEU A 417 -9.40 31.61 25.57
CA LEU A 417 -8.58 32.79 25.32
C LEU A 417 -7.18 32.55 25.89
N LEU A 418 -6.16 32.75 25.05
CA LEU A 418 -4.77 32.60 25.45
C LEU A 418 -4.10 33.96 25.36
N ASP A 419 -3.65 34.48 26.51
CA ASP A 419 -2.98 35.77 26.61
C ASP A 419 -3.91 36.93 26.26
N GLY A 420 -5.22 36.71 26.31
CA GLY A 420 -6.20 37.74 25.99
C GLY A 420 -6.79 37.66 24.60
N VAL A 421 -6.33 36.74 23.77
CA VAL A 421 -6.80 36.60 22.40
C VAL A 421 -7.39 35.20 22.23
N GLU A 422 -8.59 35.13 21.64
CA GLU A 422 -9.22 33.84 21.39
C GLU A 422 -8.30 32.97 20.55
N VAL A 423 -8.20 31.69 20.91
CA VAL A 423 -7.33 30.76 20.20
C VAL A 423 -7.66 30.72 18.72
N GLU A 424 -8.90 31.06 18.35
CA GLU A 424 -9.31 31.07 16.96
C GLU A 424 -8.60 32.17 16.17
N ASP A 425 -8.36 33.32 16.80
CA ASP A 425 -7.72 34.42 16.10
C ASP A 425 -6.24 34.16 15.84
N TYR A 426 -5.61 33.23 16.56
CA TYR A 426 -4.21 32.91 16.35
C TYR A 426 -4.06 31.98 15.16
N ARG A 427 -3.01 32.20 14.37
CA ARG A 427 -2.69 31.26 13.31
C ARG A 427 -2.36 29.92 13.94
N LEU A 428 -2.88 28.83 13.34
CA LEU A 428 -2.75 27.52 13.96
C LEU A 428 -1.30 27.20 14.31
N ARG A 429 -0.37 27.51 13.41
CA ARG A 429 1.03 27.20 13.67
C ARG A 429 1.57 28.01 14.84
N ASN A 430 1.27 29.32 14.89
CA ASN A 430 1.78 30.14 15.98
C ASN A 430 1.19 29.71 17.32
N LEU A 431 -0.11 29.39 17.34
CA LEU A 431 -0.75 28.96 18.58
C LEU A 431 -0.12 27.68 19.11
N ARG A 432 0.04 26.68 18.23
CA ARG A 432 0.61 25.41 18.64
C ARG A 432 2.06 25.53 19.06
N ARG A 433 2.76 26.57 18.57
CA ARG A 433 4.14 26.82 18.99
C ARG A 433 4.21 27.31 20.43
N HIS A 434 3.14 27.90 20.95
CA HIS A 434 3.14 28.44 22.30
C HIS A 434 2.66 27.43 23.34
N ILE A 435 2.35 26.21 22.94
CA ILE A 435 1.78 25.19 23.82
C ILE A 435 2.56 23.90 23.67
N ALA A 436 2.97 23.31 24.78
CA ALA A 436 3.65 22.02 24.80
C ALA A 436 2.76 20.99 25.49
N LEU A 437 2.52 19.86 24.82
CA LEU A 437 1.54 18.87 25.26
C LEU A 437 2.13 17.47 25.25
N VAL A 438 1.87 16.72 26.31
CA VAL A 438 2.24 15.32 26.44
C VAL A 438 0.94 14.51 26.41
N THR A 439 0.63 13.93 25.25
CA THR A 439 -0.59 13.18 25.09
C THR A 439 -0.53 11.87 25.88
N GLN A 440 -1.72 11.31 26.15
CA GLN A 440 -1.78 10.06 26.91
C GLN A 440 -1.17 8.91 26.11
N GLN A 441 -1.34 8.92 24.80
CA GLN A 441 -0.78 7.89 23.92
C GLN A 441 0.60 8.35 23.46
N VAL A 442 1.65 7.77 24.04
CA VAL A 442 3.01 8.15 23.68
C VAL A 442 3.34 7.59 22.30
N THR A 443 3.93 8.43 21.45
CA THR A 443 4.32 8.04 20.10
C THR A 443 5.73 8.52 19.82
N LEU A 444 6.58 7.62 19.34
CA LEU A 444 8.00 7.91 19.11
C LEU A 444 8.39 7.48 17.70
N PHE A 445 9.07 8.36 16.97
CA PHE A 445 9.51 8.03 15.63
C PHE A 445 10.66 7.03 15.68
N ASN A 446 10.89 6.32 14.57
CA ASN A 446 11.96 5.33 14.50
C ASN A 446 13.27 6.05 14.15
N ASP A 447 13.91 6.57 15.20
CA ASP A 447 15.15 7.31 15.04
C ASP A 447 15.90 7.26 16.38
N SER A 448 16.98 8.04 16.47
CA SER A 448 17.78 8.05 17.69
C SER A 448 17.01 8.70 18.83
N VAL A 449 17.46 8.41 20.06
CA VAL A 449 16.84 9.01 21.24
C VAL A 449 16.93 10.53 21.15
N ALA A 450 18.10 11.04 20.75
CA ALA A 450 18.29 12.49 20.66
C ALA A 450 17.36 13.11 19.62
N ASN A 451 17.25 12.48 18.45
CA ASN A 451 16.40 13.04 17.40
C ASN A 451 14.93 13.06 17.81
N ASN A 452 14.50 12.05 18.57
CA ASN A 452 13.13 12.06 19.08
C ASN A 452 12.93 13.14 20.13
N ILE A 453 13.90 13.31 21.04
CA ILE A 453 13.79 14.32 22.09
C ILE A 453 13.72 15.71 21.49
N ALA A 454 14.46 15.94 20.40
CA ALA A 454 14.50 17.23 19.71
C ALA A 454 13.95 17.06 18.31
N TYR A 455 12.65 17.30 18.13
CA TYR A 455 11.99 17.13 16.84
C TYR A 455 11.33 18.42 16.44
N GLY A 456 11.46 18.78 15.15
CA GLY A 456 10.78 19.94 14.62
C GLY A 456 11.38 21.27 15.00
N ASP A 457 10.64 22.08 15.77
CA ASP A 457 11.12 23.42 16.10
C ASP A 457 12.42 23.38 16.87
N LEU A 458 12.54 22.45 17.82
CA LEU A 458 13.73 22.36 18.66
C LEU A 458 14.82 21.54 18.02
N ALA A 459 14.62 21.11 16.78
CA ALA A 459 15.65 20.35 16.07
C ALA A 459 16.92 21.18 15.91
N GLY A 460 18.06 20.51 15.98
CA GLY A 460 19.35 21.17 15.95
C GLY A 460 19.82 21.71 17.27
N ALA A 461 19.10 21.46 18.36
CA ALA A 461 19.51 21.94 19.66
C ALA A 461 20.82 21.29 20.08
N PRO A 462 21.65 21.98 20.86
CA PRO A 462 22.93 21.39 21.24
C PRO A 462 22.72 20.20 22.17
N ARG A 463 23.65 19.24 22.08
CA ARG A 463 23.52 18.00 22.85
C ARG A 463 23.37 18.28 24.34
N GLU A 464 24.02 19.35 24.83
CA GLU A 464 23.97 19.68 26.25
C GLU A 464 22.54 19.98 26.69
N GLU A 465 21.82 20.78 25.90
CA GLU A 465 20.41 21.06 26.18
C GLU A 465 19.57 19.79 26.14
N ILE A 466 19.81 18.92 25.16
CA ILE A 466 19.06 17.67 25.06
C ILE A 466 19.26 16.84 26.31
N GLU A 467 20.52 16.71 26.74
CA GLU A 467 20.82 15.93 27.94
C GLU A 467 20.20 16.55 29.18
N ARG A 468 20.19 17.88 29.27
CA ARG A 468 19.57 18.55 30.40
C ARG A 468 18.09 18.22 30.52
N ALA A 469 17.38 18.24 29.38
CA ALA A 469 15.97 17.88 29.39
C ALA A 469 15.77 16.42 29.80
N ALA A 470 16.65 15.53 29.33
CA ALA A 470 16.55 14.12 29.70
C ALA A 470 16.73 13.94 31.20
N LYS A 471 17.64 14.70 31.81
CA LYS A 471 17.86 14.61 33.25
C LYS A 471 16.60 14.97 34.02
N ALA A 472 15.90 16.02 33.57
CA ALA A 472 14.67 16.44 34.23
C ALA A 472 13.61 15.36 34.15
N ALA A 473 13.55 14.64 33.04
CA ALA A 473 12.58 13.57 32.87
C ALA A 473 13.05 12.25 33.46
N ASN A 474 14.15 12.26 34.21
CA ASN A 474 14.71 11.05 34.82
C ASN A 474 14.93 9.98 33.76
N ALA A 475 15.45 10.41 32.60
CA ALA A 475 15.68 9.53 31.47
C ALA A 475 17.16 9.32 31.16
N LYS A 476 18.03 10.26 31.54
CA LYS A 476 19.44 10.13 31.20
C LYS A 476 20.03 8.83 31.71
N GLU A 477 19.56 8.36 32.86
CA GLU A 477 20.11 7.15 33.47
C GLU A 477 19.96 5.95 32.54
N PHE A 478 18.75 5.71 32.02
CA PHE A 478 18.60 4.57 31.13
C PHE A 478 19.16 4.89 29.74
N ILE A 479 19.10 6.15 29.32
CA ILE A 479 19.66 6.52 28.03
C ILE A 479 21.17 6.30 28.00
N ASP A 480 21.85 6.61 29.11
CA ASP A 480 23.29 6.41 29.15
C ASP A 480 23.65 4.93 29.09
N ASN A 481 22.86 4.07 29.73
CA ASN A 481 23.13 2.64 29.74
C ASN A 481 22.74 1.95 28.44
N LEU A 482 22.17 2.69 27.49
CA LEU A 482 21.82 2.14 26.19
C LEU A 482 23.08 1.76 25.40
N PRO A 483 22.94 0.90 24.38
CA PRO A 483 24.15 0.43 23.66
C PRO A 483 25.01 1.54 23.06
N GLN A 484 24.39 2.51 22.41
CA GLN A 484 25.08 3.60 21.73
C GLN A 484 24.73 4.95 22.34
N GLY A 485 24.32 4.96 23.61
CA GLY A 485 24.05 6.21 24.30
C GLY A 485 22.83 6.93 23.74
N PHE A 486 22.93 8.25 23.65
CA PHE A 486 21.84 9.07 23.11
C PHE A 486 21.66 8.88 21.61
N ASP A 487 22.51 8.09 20.95
CA ASP A 487 22.42 7.81 19.53
C ASP A 487 21.79 6.45 19.22
N THR A 488 21.38 5.71 20.24
CA THR A 488 20.66 4.46 20.02
C THR A 488 19.34 4.72 19.30
N GLU A 489 18.93 3.76 18.48
CA GLU A 489 17.66 3.84 17.79
C GLU A 489 16.58 3.19 18.65
N VAL A 490 15.50 3.94 18.90
CA VAL A 490 14.43 3.44 19.76
C VAL A 490 13.64 2.33 19.09
N GLY A 491 13.77 2.18 17.77
CA GLY A 491 12.97 1.22 17.04
C GLY A 491 11.63 1.79 16.63
N GLU A 492 10.87 0.97 15.91
CA GLU A 492 9.55 1.38 15.45
C GLU A 492 8.65 1.67 16.65
N ASN A 493 8.14 2.91 16.73
CA ASN A 493 7.29 3.35 17.83
C ASN A 493 7.94 3.04 19.19
N GLY A 494 9.27 3.09 19.23
CA GLY A 494 9.99 2.81 20.47
C GLY A 494 9.73 1.44 21.06
N VAL A 495 9.57 0.43 20.20
CA VAL A 495 9.35 -0.93 20.70
C VAL A 495 10.55 -1.41 21.50
N LEU A 496 11.75 -1.04 21.07
CA LEU A 496 12.97 -1.47 21.75
C LEU A 496 13.11 -0.88 23.14
N LEU A 497 12.21 0.02 23.53
CA LEU A 497 12.23 0.66 24.84
C LEU A 497 11.02 0.22 25.64
N SER A 498 11.15 0.27 26.97
CA SER A 498 10.07 -0.10 27.85
C SER A 498 8.98 0.99 27.85
N GLY A 499 7.80 0.63 28.35
CA GLY A 499 6.67 1.55 28.32
C GLY A 499 6.93 2.82 29.11
N GLY A 500 7.42 2.66 30.34
CA GLY A 500 7.74 3.84 31.14
C GLY A 500 8.88 4.65 30.56
N GLN A 501 9.88 3.96 29.98
CA GLN A 501 10.98 4.64 29.34
C GLN A 501 10.50 5.49 28.17
N ARG A 502 9.59 4.94 27.36
CA ARG A 502 9.02 5.70 26.25
C ARG A 502 8.28 6.93 26.74
N GLN A 503 7.52 6.78 27.82
CA GLN A 503 6.78 7.92 28.37
C GLN A 503 7.73 9.02 28.84
N ARG A 504 8.85 8.63 29.46
CA ARG A 504 9.81 9.63 29.94
C ARG A 504 10.48 10.36 28.79
N LEU A 505 10.76 9.67 27.67
CA LEU A 505 11.27 10.34 26.49
C LEU A 505 10.29 11.38 25.98
N ALA A 506 8.99 11.07 26.00
CA ALA A 506 7.99 12.04 25.56
C ALA A 506 7.97 13.26 26.47
N ILE A 507 8.07 13.05 27.78
CA ILE A 507 8.13 14.17 28.72
C ILE A 507 9.33 15.05 28.40
N ALA A 508 10.47 14.43 28.06
CA ALA A 508 11.67 15.20 27.73
C ALA A 508 11.46 16.07 26.49
N ARG A 509 10.79 15.54 25.47
CA ARG A 509 10.51 16.32 24.27
C ARG A 509 9.76 17.59 24.62
N ALA A 510 8.71 17.48 25.45
CA ALA A 510 7.93 18.65 25.84
C ALA A 510 8.78 19.63 26.65
N LEU A 511 9.60 19.11 27.58
CA LEU A 511 10.42 19.99 28.40
C LEU A 511 11.40 20.78 27.55
N LEU A 512 11.93 20.17 26.50
CA LEU A 512 12.86 20.87 25.62
C LEU A 512 12.17 22.03 24.92
N LYS A 513 10.95 21.83 24.44
CA LYS A 513 10.18 22.87 23.77
C LYS A 513 9.61 23.82 24.83
N ASP A 514 10.50 24.63 25.40
CA ASP A 514 10.09 25.57 26.44
C ASP A 514 8.99 26.47 25.89
N ALA A 515 7.78 26.32 26.42
CA ALA A 515 6.63 27.07 25.98
C ALA A 515 5.91 27.66 27.18
N PRO A 516 5.21 28.78 26.99
CA PRO A 516 4.51 29.40 28.12
C PRO A 516 3.48 28.49 28.76
N LEU A 517 2.81 27.64 27.98
CA LEU A 517 1.79 26.73 28.48
C LEU A 517 2.27 25.29 28.29
N LEU A 518 2.15 24.49 29.35
CA LEU A 518 2.55 23.09 29.33
C LEU A 518 1.37 22.24 29.81
N ILE A 519 0.87 21.38 28.93
CA ILE A 519 -0.25 20.50 29.25
C ILE A 519 0.28 19.07 29.31
N LEU A 520 -0.09 18.35 30.36
CA LEU A 520 0.34 16.96 30.57
C LEU A 520 -0.88 16.13 30.93
N ASP A 521 -1.18 15.13 30.10
CA ASP A 521 -2.35 14.27 30.31
C ASP A 521 -1.84 12.89 30.73
N GLU A 522 -1.83 12.65 32.03
CA GLU A 522 -1.41 11.36 32.60
C GLU A 522 -0.01 10.98 32.12
N ALA A 523 0.96 11.81 32.51
CA ALA A 523 2.34 11.63 32.11
C ALA A 523 3.11 10.68 33.03
N THR A 524 2.45 10.10 34.04
CA THR A 524 3.10 9.18 34.97
C THR A 524 2.29 7.89 35.12
N SER A 525 1.52 7.53 34.08
CA SER A 525 0.72 6.32 34.16
C SER A 525 1.58 5.06 34.14
N ALA A 526 2.70 5.08 33.42
CA ALA A 526 3.58 3.93 33.29
C ALA A 526 4.83 4.05 34.16
N LEU A 527 4.81 4.92 35.15
CA LEU A 527 5.96 5.12 36.04
C LEU A 527 5.60 4.70 37.46
N ASP A 528 6.60 4.26 38.20
CA ASP A 528 6.41 3.85 39.59
C ASP A 528 6.30 5.07 40.50
N THR A 529 6.15 4.82 41.80
CA THR A 529 5.95 5.90 42.75
C THR A 529 7.23 6.72 42.96
N GLU A 530 8.40 6.11 42.77
CA GLU A 530 9.65 6.82 42.99
C GLU A 530 10.15 7.54 41.73
N SER A 531 10.03 6.92 40.56
CA SER A 531 10.42 7.60 39.33
C SER A 531 9.54 8.81 39.08
N GLU A 532 8.24 8.70 39.36
CA GLU A 532 7.34 9.84 39.22
C GLU A 532 7.70 10.97 40.18
N ARG A 533 8.27 10.63 41.34
CA ARG A 533 8.69 11.67 42.29
C ARG A 533 9.87 12.46 41.75
N HIS A 534 10.82 11.80 41.09
CA HIS A 534 11.97 12.49 40.53
C HIS A 534 11.58 13.45 39.40
N ILE A 535 10.39 13.28 38.82
CA ILE A 535 9.92 14.18 37.78
C ILE A 535 9.19 15.38 38.39
N GLN A 536 8.32 15.13 39.37
CA GLN A 536 7.62 16.23 40.03
C GLN A 536 8.57 17.07 40.88
N ALA A 537 9.68 16.51 41.34
CA ALA A 537 10.66 17.28 42.10
C ALA A 537 11.49 18.20 41.21
N ALA A 538 11.53 17.94 39.90
CA ALA A 538 12.23 18.80 38.97
C ALA A 538 11.30 19.70 38.17
N LEU A 539 10.02 19.35 38.06
CA LEU A 539 9.06 20.19 37.35
C LEU A 539 8.63 21.40 38.18
N ASP A 540 8.68 21.30 39.50
CA ASP A 540 8.27 22.41 40.36
C ASP A 540 9.29 23.54 40.40
N GLU A 541 10.53 23.28 39.98
CA GLU A 541 11.57 24.31 39.97
C GLU A 541 11.56 25.16 38.70
N VAL A 542 10.75 24.80 37.70
CA VAL A 542 10.67 25.56 36.47
C VAL A 542 9.22 25.90 36.16
N MET A 543 8.37 25.82 37.19
CA MET A 543 6.95 26.11 37.04
C MET A 543 6.60 27.58 37.23
N LYS A 544 7.58 28.41 37.63
CA LYS A 544 7.31 29.81 37.86
C LYS A 544 7.14 30.58 36.56
N GLY A 545 7.84 30.17 35.51
CA GLY A 545 7.77 30.86 34.23
C GLY A 545 6.86 30.19 33.22
N ARG A 546 5.95 29.35 33.69
CA ARG A 546 5.06 28.61 32.81
C ARG A 546 3.72 28.40 33.48
N THR A 547 2.70 28.13 32.66
CA THR A 547 1.36 27.79 33.13
C THR A 547 1.14 26.31 32.86
N THR A 548 0.90 25.53 33.90
CA THR A 548 0.86 24.08 33.83
C THR A 548 -0.58 23.57 33.98
N LEU A 549 -1.01 22.73 33.05
CA LEU A 549 -2.27 22.01 33.13
C LEU A 549 -1.96 20.52 33.25
N VAL A 550 -2.54 19.87 34.26
CA VAL A 550 -2.26 18.48 34.57
C VAL A 550 -3.56 17.70 34.62
N ILE A 551 -3.63 16.61 33.88
CA ILE A 551 -4.75 15.68 33.90
C ILE A 551 -4.17 14.33 34.32
N ALA A 552 -4.34 13.99 35.60
CA ALA A 552 -3.75 12.76 36.15
C ALA A 552 -4.78 12.04 37.03
N HIS A 553 -4.59 10.73 37.15
CA HIS A 553 -5.44 9.90 37.98
C HIS A 553 -4.80 9.56 39.33
N ARG A 554 -3.50 9.79 39.49
CA ARG A 554 -2.81 9.55 40.75
C ARG A 554 -2.88 10.83 41.58
N LEU A 555 -3.68 10.81 42.64
CA LEU A 555 -3.89 12.00 43.45
C LEU A 555 -2.74 12.20 44.42
N SER A 556 -1.52 12.26 43.88
CA SER A 556 -0.31 12.50 44.67
C SER A 556 0.61 13.55 44.07
N THR A 557 0.55 13.80 42.76
CA THR A 557 1.36 14.82 42.12
C THR A 557 0.61 16.11 41.87
N ILE A 558 -0.63 16.21 42.33
CA ILE A 558 -1.45 17.40 42.13
C ILE A 558 -1.81 18.08 43.45
N GLU A 559 -1.32 17.59 44.57
CA GLU A 559 -1.64 18.20 45.87
C GLU A 559 -1.12 19.63 45.94
N LYS A 560 0.05 19.89 45.36
CA LYS A 560 0.66 21.21 45.38
C LYS A 560 0.14 22.11 44.27
N ALA A 561 -0.84 21.65 43.50
CA ALA A 561 -1.42 22.48 42.44
C ALA A 561 -2.16 23.67 43.03
N ASP A 562 -2.03 24.82 42.36
CA ASP A 562 -2.68 26.03 42.86
C ASP A 562 -4.20 25.88 42.85
N LEU A 563 -4.76 25.30 41.79
CA LEU A 563 -6.19 25.07 41.69
C LEU A 563 -6.45 23.68 41.14
N ILE A 564 -7.35 22.95 41.79
CA ILE A 564 -7.71 21.59 41.42
C ILE A 564 -9.17 21.60 40.99
N LEU A 565 -9.45 21.06 39.81
CA LEU A 565 -10.79 21.02 39.25
C LEU A 565 -11.23 19.58 39.11
N VAL A 566 -12.35 19.23 39.73
CA VAL A 566 -12.92 17.89 39.66
C VAL A 566 -14.10 17.93 38.70
N MET A 567 -14.09 17.04 37.71
CA MET A 567 -15.15 16.98 36.71
C MET A 567 -16.02 15.74 36.94
N ASP A 568 -17.28 15.85 36.53
CA ASP A 568 -18.22 14.74 36.66
C ASP A 568 -19.22 14.84 35.52
N GLN A 569 -19.00 14.03 34.48
CA GLN A 569 -19.87 13.98 33.30
C GLN A 569 -19.85 15.30 32.52
N GLY A 570 -18.65 15.88 32.39
CA GLY A 570 -18.49 17.10 31.62
C GLY A 570 -18.78 18.38 32.37
N GLN A 571 -18.98 18.32 33.68
CA GLN A 571 -19.24 19.50 34.49
C GLN A 571 -18.26 19.54 35.66
N ILE A 572 -17.75 20.73 35.96
CA ILE A 572 -16.86 20.91 37.09
C ILE A 572 -17.71 20.98 38.36
N VAL A 573 -17.64 19.95 39.20
CA VAL A 573 -18.47 19.86 40.38
C VAL A 573 -17.83 20.56 41.57
N GLU A 574 -16.52 20.50 41.72
CA GLU A 574 -15.83 21.06 42.87
C GLU A 574 -14.63 21.88 42.41
N ARG A 575 -14.28 22.87 43.22
CA ARG A 575 -13.14 23.73 42.96
C ARG A 575 -12.42 24.02 44.27
N GLY A 576 -11.15 24.38 44.18
CA GLY A 576 -10.38 24.71 45.35
C GLY A 576 -8.99 24.09 45.37
N SER A 577 -8.50 23.75 46.55
CA SER A 577 -7.17 23.17 46.74
C SER A 577 -7.31 21.86 47.51
N HIS A 578 -6.17 21.27 47.86
CA HIS A 578 -6.18 19.99 48.58
C HIS A 578 -6.90 20.10 49.91
N ALA A 579 -6.56 21.13 50.70
CA ALA A 579 -7.16 21.26 52.03
C ALA A 579 -8.66 21.54 51.93
N GLU A 580 -9.04 22.50 51.07
CA GLU A 580 -10.45 22.84 50.93
C GLU A 580 -11.25 21.67 50.37
N LEU A 581 -10.71 20.98 49.37
CA LEU A 581 -11.43 19.85 48.77
C LEU A 581 -11.61 18.72 49.78
N LEU A 582 -10.57 18.44 50.58
CA LEU A 582 -10.70 17.43 51.62
C LEU A 582 -11.72 17.84 52.68
N ALA A 583 -11.73 19.12 53.05
CA ALA A 583 -12.68 19.61 54.04
C ALA A 583 -14.11 19.49 53.54
N GLN A 584 -14.33 19.75 52.25
CA GLN A 584 -15.67 19.65 51.68
C GLN A 584 -16.23 18.24 51.80
N ASN A 585 -15.36 17.22 51.78
CA ASN A 585 -15.77 15.82 51.88
C ASN A 585 -16.76 15.45 50.78
N GLY A 586 -16.28 15.57 49.54
CA GLY A 586 -17.10 15.27 48.39
C GLY A 586 -16.47 14.27 47.44
N HIS A 587 -16.51 14.58 46.14
CA HIS A 587 -15.92 13.68 45.15
C HIS A 587 -14.42 13.54 45.34
N TYR A 588 -13.72 14.65 45.61
CA TYR A 588 -12.29 14.60 45.81
C TYR A 588 -11.92 13.75 47.02
N ALA A 589 -12.68 13.88 48.11
CA ALA A 589 -12.41 13.09 49.30
C ALA A 589 -12.55 11.60 49.02
N ARG A 590 -13.61 11.22 48.29
CA ARG A 590 -13.81 9.81 47.95
C ARG A 590 -12.70 9.30 47.03
N LEU A 591 -12.31 10.09 46.04
CA LEU A 591 -11.30 9.65 45.09
C LEU A 591 -9.93 9.54 45.74
N HIS A 592 -9.62 10.46 46.65
CA HIS A 592 -8.30 10.44 47.30
C HIS A 592 -8.11 9.17 48.12
N ALA A 593 -9.14 8.74 48.84
CA ALA A 593 -9.06 7.55 49.66
C ALA A 593 -8.80 6.31 48.82
N SER B 13 19.47 -8.16 -8.40
CA SER B 13 18.25 -7.81 -9.11
C SER B 13 18.04 -8.69 -10.34
N SER B 14 18.49 -9.94 -10.24
CA SER B 14 18.32 -10.88 -11.34
C SER B 14 16.84 -11.24 -11.49
N LEU B 15 16.45 -11.52 -12.73
CA LEU B 15 15.09 -11.94 -13.04
C LEU B 15 14.85 -13.40 -12.71
N LYS B 16 15.85 -14.08 -12.15
CA LYS B 16 15.72 -15.49 -11.77
C LYS B 16 14.71 -15.68 -10.64
N ILE B 17 14.41 -14.63 -9.88
CA ILE B 17 13.43 -14.73 -8.80
C ILE B 17 12.08 -15.19 -9.33
N TYR B 18 11.76 -14.83 -10.58
CA TYR B 18 10.48 -15.21 -11.16
C TYR B 18 10.35 -16.72 -11.28
N PHE B 19 11.48 -17.43 -11.34
CA PHE B 19 11.44 -18.89 -11.45
C PHE B 19 10.71 -19.52 -10.28
N ARG B 20 10.73 -18.86 -9.12
CA ARG B 20 10.03 -19.36 -7.95
C ARG B 20 8.52 -19.39 -8.17
N LEU B 21 8.00 -18.46 -8.98
CA LEU B 21 6.57 -18.43 -9.27
C LEU B 21 6.09 -19.74 -9.88
N LEU B 22 6.99 -20.48 -10.54
CA LEU B 22 6.62 -21.73 -11.19
C LEU B 22 6.07 -22.74 -10.19
N GLY B 23 6.55 -22.71 -8.96
CA GLY B 23 6.04 -23.62 -7.95
C GLY B 23 4.55 -23.48 -7.72
N TYR B 24 4.01 -22.30 -7.97
CA TYR B 24 2.59 -22.03 -7.79
C TYR B 24 1.78 -22.25 -9.07
N VAL B 25 2.45 -22.55 -10.19
CA VAL B 25 1.77 -22.81 -11.46
C VAL B 25 1.57 -24.29 -11.71
N LYS B 26 2.07 -25.15 -10.82
CA LYS B 26 1.84 -26.59 -10.96
C LYS B 26 0.37 -26.95 -11.00
N PRO B 27 -0.51 -26.47 -10.11
CA PRO B 27 -1.92 -26.87 -10.20
C PRO B 27 -2.64 -26.34 -11.43
N TYR B 28 -2.09 -25.35 -12.12
CA TYR B 28 -2.72 -24.76 -13.29
C TYR B 28 -2.01 -25.16 -14.58
N ILE B 29 -1.30 -26.30 -14.57
CA ILE B 29 -0.51 -26.70 -15.73
C ILE B 29 -1.42 -26.96 -16.93
N GLY B 30 -2.56 -27.60 -16.71
CA GLY B 30 -3.43 -27.94 -17.82
C GLY B 30 -3.96 -26.71 -18.54
N MET B 31 -4.43 -25.72 -17.79
CA MET B 31 -4.94 -24.50 -18.40
C MET B 31 -3.84 -23.77 -19.17
N PHE B 32 -2.62 -23.79 -18.66
CA PHE B 32 -1.51 -23.13 -19.34
C PHE B 32 -1.25 -23.76 -20.69
N LEU B 33 -1.36 -25.10 -20.78
CA LEU B 33 -1.17 -25.78 -22.05
C LEU B 33 -2.17 -25.32 -23.10
N LEU B 34 -3.43 -25.13 -22.69
CA LEU B 34 -4.45 -24.65 -23.61
C LEU B 34 -4.12 -23.25 -24.11
N SER B 35 -3.56 -22.40 -23.24
CA SER B 35 -3.16 -21.06 -23.66
C SER B 35 -2.11 -21.12 -24.76
N ILE B 36 -1.15 -22.05 -24.63
CA ILE B 36 -0.13 -22.20 -25.66
C ILE B 36 -0.77 -22.64 -26.97
N VAL B 37 -1.73 -23.56 -26.92
CA VAL B 37 -2.39 -24.02 -28.13
C VAL B 37 -3.09 -22.87 -28.83
N GLY B 38 -3.77 -22.01 -28.07
CA GLY B 38 -4.42 -20.85 -28.66
C GLY B 38 -3.43 -19.89 -29.28
N PHE B 39 -2.32 -19.63 -28.58
CA PHE B 39 -1.30 -18.75 -29.12
C PHE B 39 -0.68 -19.32 -30.39
N LEU B 40 -0.53 -20.65 -30.45
CA LEU B 40 -0.06 -21.31 -31.66
C LEU B 40 -0.99 -21.01 -32.84
N ILE B 41 -2.30 -21.11 -32.60
CA ILE B 41 -3.28 -20.81 -33.64
C ILE B 41 -3.13 -19.38 -34.13
N PHE B 42 -3.06 -18.42 -33.20
CA PHE B 42 -2.93 -17.02 -33.56
C PHE B 42 -1.67 -16.78 -34.37
N ALA B 43 -0.55 -17.37 -33.94
CA ALA B 43 0.71 -17.19 -34.64
C ALA B 43 0.65 -17.77 -36.04
N SER B 44 -0.01 -18.91 -36.22
CA SER B 44 -0.07 -19.54 -37.53
C SER B 44 -0.83 -18.68 -38.53
N THR B 45 -1.79 -17.88 -38.06
CA THR B 45 -2.57 -17.04 -38.97
C THR B 45 -1.72 -15.94 -39.58
N GLN B 46 -0.70 -15.46 -38.86
CA GLN B 46 0.11 -14.35 -39.36
C GLN B 46 0.76 -14.69 -40.70
N PRO B 47 1.49 -15.80 -40.86
CA PRO B 47 2.00 -16.14 -42.19
C PRO B 47 0.91 -16.37 -43.22
N MET B 48 -0.22 -16.96 -42.79
CA MET B 48 -1.32 -17.22 -43.71
C MET B 48 -1.82 -15.93 -44.34
N LEU B 49 -2.01 -14.89 -43.52
CA LEU B 49 -2.49 -13.61 -44.01
C LEU B 49 -1.57 -13.03 -45.07
N ALA B 50 -0.26 -13.27 -44.95
CA ALA B 50 0.68 -12.80 -45.97
C ALA B 50 0.58 -13.62 -47.24
N GLY B 51 0.35 -14.93 -47.11
CA GLY B 51 0.34 -15.80 -48.28
C GLY B 51 -0.81 -15.51 -49.22
N ILE B 52 -1.97 -15.13 -48.67
CA ILE B 52 -3.15 -14.90 -49.50
C ILE B 52 -2.89 -13.81 -50.54
N LEU B 53 -1.96 -12.90 -50.25
CA LEU B 53 -1.65 -11.84 -51.20
C LEU B 53 -1.11 -12.40 -52.51
N LYS B 54 -0.38 -13.51 -52.45
CA LYS B 54 0.12 -14.15 -53.65
C LYS B 54 -1.02 -14.49 -54.60
N TYR B 55 -2.07 -15.13 -54.07
CA TYR B 55 -3.21 -15.51 -54.91
C TYR B 55 -4.00 -14.28 -55.34
N PHE B 56 -4.08 -13.26 -54.47
CA PHE B 56 -4.78 -12.03 -54.84
C PHE B 56 -4.12 -11.37 -56.04
N VAL B 57 -2.78 -11.31 -56.04
CA VAL B 57 -2.06 -10.72 -57.17
C VAL B 57 -2.32 -11.53 -58.44
N ASP B 58 -2.24 -12.86 -58.33
CA ASP B 58 -2.56 -13.72 -59.47
C ASP B 58 -4.00 -13.50 -59.92
N GLY B 59 -4.93 -13.35 -58.97
CA GLY B 59 -6.31 -13.13 -59.31
C GLY B 59 -6.52 -11.83 -60.07
N LEU B 60 -5.78 -10.78 -59.70
CA LEU B 60 -5.86 -9.52 -60.43
C LEU B 60 -5.64 -9.73 -61.92
N SER B 61 -4.68 -10.58 -62.28
CA SER B 61 -4.43 -10.86 -63.68
C SER B 61 -5.53 -11.75 -64.27
N ASN B 62 -5.92 -12.81 -63.56
CA ASN B 62 -6.91 -13.76 -64.04
C ASN B 62 -7.84 -14.17 -62.90
N PRO B 63 -8.93 -13.44 -62.68
CA PRO B 63 -9.87 -13.83 -61.61
C PRO B 63 -10.65 -15.09 -61.93
N ASP B 64 -10.76 -15.46 -63.20
CA ASP B 64 -11.48 -16.68 -63.59
C ASP B 64 -10.71 -17.94 -63.23
N ALA B 65 -9.43 -17.82 -62.85
CA ALA B 65 -8.64 -18.98 -62.49
C ALA B 65 -9.21 -19.63 -61.22
N ALA B 66 -9.06 -20.95 -61.14
CA ALA B 66 -9.57 -21.70 -60.01
C ALA B 66 -8.46 -21.88 -58.98
N LEU B 67 -8.80 -21.60 -57.71
CA LEU B 67 -7.78 -21.71 -56.67
C LEU B 67 -7.21 -23.12 -56.51
N PHE B 68 -8.01 -24.18 -56.75
CA PHE B 68 -7.50 -25.53 -56.36
C PHE B 68 -7.34 -26.65 -57.40
N PRO B 69 -6.89 -26.55 -58.65
CA PRO B 69 -7.53 -27.37 -59.69
C PRO B 69 -7.95 -28.82 -59.38
N ASN B 70 -7.52 -29.46 -58.30
CA ASN B 70 -7.93 -30.84 -58.03
C ASN B 70 -8.94 -30.92 -56.89
N LEU B 76 -15.26 -27.38 -54.38
CA LEU B 76 -14.00 -26.93 -54.98
C LEU B 76 -13.98 -27.35 -56.42
N ARG B 77 -12.81 -27.38 -57.07
CA ARG B 77 -12.68 -27.70 -58.50
C ARG B 77 -13.59 -26.83 -59.37
N ASP B 78 -14.20 -25.79 -58.78
CA ASP B 78 -14.91 -24.77 -59.53
C ASP B 78 -14.70 -23.36 -58.99
N LEU B 79 -14.66 -23.22 -57.67
CA LEU B 79 -14.51 -21.93 -57.01
C LEU B 79 -13.34 -21.15 -57.58
N HIS B 80 -13.63 -19.99 -58.15
CA HIS B 80 -12.59 -19.18 -58.76
C HIS B 80 -12.00 -18.25 -57.70
N LEU B 81 -10.84 -17.66 -58.04
CA LEU B 81 -10.16 -16.77 -57.10
C LEU B 81 -11.04 -15.60 -56.68
N VAL B 82 -11.93 -15.16 -57.57
CA VAL B 82 -12.81 -14.02 -57.28
C VAL B 82 -13.64 -14.27 -56.03
N TYR B 83 -14.06 -15.52 -55.80
CA TYR B 83 -14.81 -15.85 -54.60
C TYR B 83 -13.98 -16.55 -53.55
N ALA B 84 -13.00 -17.36 -53.96
CA ALA B 84 -12.22 -18.16 -53.02
C ALA B 84 -11.36 -17.27 -52.12
N VAL B 85 -10.58 -16.37 -52.73
CA VAL B 85 -9.71 -15.48 -51.94
C VAL B 85 -10.50 -14.71 -50.89
N PRO B 86 -11.62 -14.05 -51.21
CA PRO B 86 -12.40 -13.39 -50.15
C PRO B 86 -12.86 -14.34 -49.06
N LEU B 87 -13.28 -15.55 -49.44
CA LEU B 87 -13.77 -16.51 -48.46
C LEU B 87 -12.67 -16.90 -47.48
N LEU B 88 -11.46 -17.14 -47.99
CA LEU B 88 -10.36 -17.55 -47.11
C LEU B 88 -10.06 -16.50 -46.07
N ILE B 89 -10.17 -15.21 -46.44
CA ILE B 89 -9.90 -14.13 -45.49
C ILE B 89 -10.77 -14.28 -44.25
N ILE B 90 -12.07 -14.55 -44.45
CA ILE B 90 -12.99 -14.71 -43.33
C ILE B 90 -12.58 -15.91 -42.47
N LEU B 91 -12.27 -17.03 -43.11
CA LEU B 91 -11.93 -18.24 -42.37
C LEU B 91 -10.68 -18.04 -41.52
N ILE B 92 -9.66 -17.42 -42.09
CA ILE B 92 -8.44 -17.13 -41.32
C ILE B 92 -8.76 -16.24 -40.14
N ALA B 93 -9.62 -15.24 -40.34
CA ALA B 93 -9.98 -14.33 -39.26
C ALA B 93 -10.66 -15.07 -38.12
N ALA B 94 -11.59 -15.97 -38.45
CA ALA B 94 -12.25 -16.76 -37.41
C ALA B 94 -11.26 -17.66 -36.69
N TRP B 95 -10.36 -18.29 -37.44
CA TRP B 95 -9.33 -19.15 -36.83
C TRP B 95 -8.46 -18.35 -35.88
N GLN B 96 -8.04 -17.16 -36.30
CA GLN B 96 -7.26 -16.28 -35.41
C GLN B 96 -8.05 -15.90 -34.17
N GLY B 97 -9.35 -15.65 -34.33
CA GLY B 97 -10.17 -15.26 -33.19
C GLY B 97 -10.26 -16.34 -32.13
N LEU B 98 -10.43 -17.59 -32.57
CA LEU B 98 -10.46 -18.71 -31.62
C LEU B 98 -9.17 -18.79 -30.82
N GLY B 99 -8.03 -18.70 -31.50
CA GLY B 99 -6.76 -18.75 -30.80
C GLY B 99 -6.59 -17.60 -29.82
N SER B 100 -7.06 -16.41 -30.19
CA SER B 100 -6.95 -15.26 -29.30
C SER B 100 -7.72 -15.49 -28.01
N PHE B 101 -8.98 -15.93 -28.10
CA PHE B 101 -9.76 -16.16 -26.90
C PHE B 101 -9.16 -17.25 -26.03
N LEU B 102 -8.81 -18.39 -26.64
CA LEU B 102 -8.26 -19.50 -25.88
C LEU B 102 -6.97 -19.10 -25.18
N GLY B 103 -6.11 -18.35 -25.88
CA GLY B 103 -4.86 -17.94 -25.27
C GLY B 103 -5.04 -16.90 -24.19
N ASN B 104 -5.81 -15.85 -24.47
CA ASN B 104 -5.94 -14.75 -23.51
C ASN B 104 -6.77 -15.15 -22.29
N PHE B 105 -7.86 -15.90 -22.50
CA PHE B 105 -8.72 -16.25 -21.38
C PHE B 105 -8.04 -17.23 -20.43
N PHE B 106 -7.50 -18.32 -20.97
CA PHE B 106 -6.93 -19.35 -20.12
C PHE B 106 -5.65 -18.88 -19.44
N LEU B 107 -4.83 -18.08 -20.13
CA LEU B 107 -3.64 -17.53 -19.50
C LEU B 107 -4.02 -16.66 -18.30
N ALA B 108 -5.07 -15.86 -18.43
CA ALA B 108 -5.53 -15.04 -17.31
C ALA B 108 -6.06 -15.89 -16.17
N LYS B 109 -6.76 -16.99 -16.49
CA LYS B 109 -7.17 -17.93 -15.45
C LYS B 109 -5.98 -18.35 -14.61
N VAL B 110 -4.89 -18.75 -15.27
CA VAL B 110 -3.68 -19.16 -14.55
C VAL B 110 -3.12 -17.99 -13.74
N SER B 111 -3.07 -16.80 -14.36
CA SER B 111 -2.48 -15.64 -13.69
C SER B 111 -3.25 -15.29 -12.43
N LEU B 112 -4.59 -15.20 -12.53
CA LEU B 112 -5.40 -14.86 -11.37
C LEU B 112 -5.29 -15.93 -10.29
N GLY B 113 -5.19 -17.20 -10.70
CA GLY B 113 -5.00 -18.27 -9.73
C GLY B 113 -3.70 -18.11 -8.94
N LEU B 114 -2.61 -17.74 -9.63
CA LEU B 114 -1.36 -17.52 -8.93
C LEU B 114 -1.45 -16.35 -7.97
N VAL B 115 -2.14 -15.27 -8.37
CA VAL B 115 -2.35 -14.14 -7.47
C VAL B 115 -3.03 -14.60 -6.19
N HIS B 116 -4.11 -15.37 -6.33
CA HIS B 116 -4.84 -15.86 -5.17
C HIS B 116 -3.96 -16.73 -4.29
N ASP B 117 -3.21 -17.66 -4.90
CA ASP B 117 -2.34 -18.54 -4.12
C ASP B 117 -1.28 -17.75 -3.38
N LEU B 118 -0.64 -16.79 -4.06
CA LEU B 118 0.42 -16.01 -3.42
C LEU B 118 -0.13 -15.19 -2.26
N ARG B 119 -1.27 -14.51 -2.47
CA ARG B 119 -1.86 -13.71 -1.42
C ARG B 119 -2.21 -14.55 -0.20
N VAL B 120 -2.88 -15.69 -0.42
CA VAL B 120 -3.27 -16.55 0.69
C VAL B 120 -2.04 -17.03 1.45
N ALA B 121 -0.99 -17.42 0.73
CA ALA B 121 0.22 -17.90 1.37
C ALA B 121 0.86 -16.82 2.23
N LEU B 122 0.93 -15.58 1.72
CA LEU B 122 1.53 -14.50 2.48
C LEU B 122 0.75 -14.21 3.75
N PHE B 123 -0.58 -14.20 3.66
CA PHE B 123 -1.41 -13.93 4.83
C PHE B 123 -1.22 -15.00 5.90
N ASN B 124 -1.21 -16.27 5.50
CA ASN B 124 -1.02 -17.36 6.45
C ASN B 124 0.37 -17.28 7.08
N LYS B 125 1.36 -16.87 6.30
CA LYS B 125 2.72 -16.71 6.84
C LYS B 125 2.73 -15.67 7.96
N LEU B 126 2.01 -14.56 7.77
CA LEU B 126 1.96 -13.54 8.80
C LEU B 126 1.42 -14.09 10.12
N LEU B 127 0.42 -14.97 10.03
CA LEU B 127 -0.16 -15.56 11.23
C LEU B 127 0.80 -16.48 11.97
N VAL B 128 1.92 -16.86 11.35
CA VAL B 128 2.88 -17.76 11.98
C VAL B 128 4.24 -17.12 12.19
N LEU B 129 4.51 -15.95 11.60
CA LEU B 129 5.80 -15.30 11.76
C LEU B 129 6.02 -14.88 13.22
N PRO B 130 7.28 -14.77 13.65
CA PRO B 130 7.54 -14.40 15.05
C PRO B 130 7.17 -12.94 15.32
N ASN B 131 6.98 -12.64 16.61
CA ASN B 131 6.62 -11.28 17.00
C ASN B 131 7.70 -10.27 16.63
N ARG B 132 8.97 -10.70 16.64
CA ARG B 132 10.06 -9.79 16.32
C ARG B 132 9.91 -9.21 14.91
N TYR B 133 9.46 -10.04 13.96
CA TYR B 133 9.26 -9.58 12.59
C TYR B 133 8.29 -8.40 12.55
N PHE B 134 7.12 -8.58 13.16
CA PHE B 134 6.14 -7.50 13.22
C PHE B 134 6.70 -6.30 13.99
N ASP B 135 7.56 -6.57 14.97
CA ASP B 135 8.15 -5.51 15.78
C ASP B 135 9.08 -4.64 14.94
N THR B 136 9.92 -5.25 14.11
CA THR B 136 10.88 -4.51 13.32
C THR B 136 10.23 -3.83 12.12
N HIS B 137 9.51 -4.60 11.30
CA HIS B 137 8.86 -4.03 10.14
C HIS B 137 7.64 -3.20 10.52
N SER B 138 7.41 -2.15 9.74
CA SER B 138 6.24 -1.30 9.95
C SER B 138 5.01 -1.89 9.27
N SER B 139 3.85 -1.49 9.76
CA SER B 139 2.59 -2.00 9.20
C SER B 139 2.45 -1.63 7.73
N GLY B 140 2.87 -0.41 7.37
CA GLY B 140 2.80 -0.01 5.97
C GLY B 140 3.62 -0.89 5.05
N HIS B 141 4.81 -1.28 5.49
CA HIS B 141 5.63 -2.23 4.73
C HIS B 141 4.85 -3.54 4.49
N LEU B 142 4.29 -4.13 5.54
CA LEU B 142 3.71 -5.46 5.44
C LEU B 142 2.41 -5.46 4.63
N ILE B 143 1.59 -4.41 4.78
CA ILE B 143 0.32 -4.37 4.07
C ILE B 143 0.54 -4.21 2.56
N SER B 144 1.60 -3.48 2.17
CA SER B 144 1.85 -3.26 0.75
C SER B 144 2.19 -4.56 0.02
N ARG B 145 2.76 -5.52 0.74
CA ARG B 145 3.15 -6.79 0.13
C ARG B 145 1.96 -7.64 -0.30
N ILE B 146 0.84 -7.56 0.41
CA ILE B 146 -0.30 -8.44 0.16
C ILE B 146 -1.44 -7.69 -0.51
N THR B 147 -1.19 -6.49 -1.02
CA THR B 147 -2.23 -5.71 -1.67
C THR B 147 -1.78 -5.18 -3.02
N PHE B 148 -0.53 -4.77 -3.13
CA PHE B 148 -0.05 -4.13 -4.36
C PHE B 148 1.12 -4.87 -4.98
N ASN B 149 2.12 -5.26 -4.19
CA ASN B 149 3.30 -5.93 -4.74
C ASN B 149 2.92 -7.21 -5.48
N VAL B 150 2.01 -8.00 -4.89
CA VAL B 150 1.58 -9.23 -5.54
C VAL B 150 0.99 -8.92 -6.91
N THR B 151 0.10 -7.94 -6.99
CA THR B 151 -0.55 -7.60 -8.25
C THR B 151 0.49 -7.12 -9.28
N MET B 152 1.37 -6.20 -8.87
CA MET B 152 2.37 -5.67 -9.79
C MET B 152 3.28 -6.78 -10.31
N VAL B 153 3.83 -7.58 -9.40
CA VAL B 153 4.79 -8.63 -9.79
C VAL B 153 4.12 -9.62 -10.74
N THR B 154 2.94 -10.11 -10.35
CA THR B 154 2.24 -11.09 -11.19
C THR B 154 1.85 -10.50 -12.53
N GLY B 155 1.37 -9.24 -12.52
CA GLY B 155 0.98 -8.62 -13.77
C GLY B 155 2.14 -8.48 -14.74
N ALA B 156 3.30 -8.04 -14.24
CA ALA B 156 4.47 -7.90 -15.10
C ALA B 156 4.88 -9.25 -15.68
N ALA B 157 4.92 -10.29 -14.85
CA ALA B 157 5.26 -11.62 -15.34
C ALA B 157 4.26 -12.11 -16.37
N THR B 158 2.97 -11.90 -16.09
CA THR B 158 1.92 -12.35 -17.02
C THR B 158 2.06 -11.68 -18.38
N ASP B 159 2.26 -10.37 -18.40
CA ASP B 159 2.44 -9.65 -19.66
C ASP B 159 3.66 -10.18 -20.40
N ALA B 160 4.76 -10.40 -19.69
CA ALA B 160 5.97 -10.91 -20.32
C ALA B 160 5.73 -12.28 -20.93
N ILE B 161 5.08 -13.18 -20.18
CA ILE B 161 4.80 -14.52 -20.68
C ILE B 161 3.95 -14.46 -21.95
N LYS B 162 2.90 -13.64 -21.93
CA LYS B 162 2.03 -13.52 -23.10
C LYS B 162 2.81 -13.05 -24.31
N VAL B 163 3.63 -12.01 -24.15
CA VAL B 163 4.37 -11.46 -25.27
C VAL B 163 5.40 -12.45 -25.79
N VAL B 164 6.18 -13.06 -24.88
CA VAL B 164 7.23 -13.97 -25.32
C VAL B 164 6.63 -15.17 -26.04
N ILE B 165 5.50 -15.70 -25.52
CA ILE B 165 4.85 -16.83 -26.18
C ILE B 165 4.25 -16.40 -27.51
N ARG B 166 3.57 -15.26 -27.54
CA ARG B 166 2.90 -14.83 -28.76
C ARG B 166 3.89 -14.33 -29.81
N GLU B 167 4.85 -13.48 -29.41
CA GLU B 167 5.77 -12.92 -30.39
C GLU B 167 6.84 -13.92 -30.80
N GLY B 168 7.30 -14.75 -29.85
CA GLY B 168 8.26 -15.77 -30.21
C GLY B 168 7.71 -16.74 -31.24
N LEU B 169 6.49 -17.21 -31.02
CA LEU B 169 5.86 -18.11 -31.99
C LEU B 169 5.67 -17.41 -33.33
N THR B 170 5.17 -16.17 -33.30
CA THR B 170 4.93 -15.43 -34.54
C THR B 170 6.23 -15.31 -35.35
N VAL B 171 7.32 -14.96 -34.69
CA VAL B 171 8.60 -14.84 -35.38
C VAL B 171 9.03 -16.18 -35.96
N VAL B 172 8.88 -17.25 -35.17
CA VAL B 172 9.26 -18.58 -35.64
C VAL B 172 8.48 -18.96 -36.88
N PHE B 173 7.14 -18.81 -36.84
CA PHE B 173 6.30 -19.15 -37.99
C PHE B 173 6.68 -18.33 -39.21
N LEU B 174 6.88 -17.02 -39.03
CA LEU B 174 7.21 -16.15 -40.16
C LEU B 174 8.54 -16.55 -40.79
N PHE B 175 9.55 -16.82 -39.96
CA PHE B 175 10.85 -17.19 -40.49
C PHE B 175 10.78 -18.52 -41.23
N LEU B 176 9.99 -19.47 -40.71
CA LEU B 176 9.82 -20.74 -41.40
C LEU B 176 9.20 -20.55 -42.77
N TYR B 177 8.17 -19.71 -42.87
CA TYR B 177 7.54 -19.43 -44.15
C TYR B 177 8.53 -18.79 -45.12
N LEU B 178 9.31 -17.82 -44.64
CA LEU B 178 10.31 -17.17 -45.48
C LEU B 178 11.37 -18.16 -45.95
N LEU B 179 11.80 -19.04 -45.06
CA LEU B 179 12.77 -20.07 -45.43
C LEU B 179 12.21 -21.00 -46.50
N TRP B 180 10.93 -21.34 -46.40
CA TRP B 180 10.31 -22.23 -47.38
C TRP B 180 10.31 -21.57 -48.77
N MET B 181 9.87 -20.31 -48.84
CA MET B 181 9.77 -19.64 -50.14
C MET B 181 11.15 -19.46 -50.77
N ASN B 182 12.09 -18.89 -50.02
CA ASN B 182 13.45 -18.71 -50.52
C ASN B 182 14.39 -18.70 -49.31
N TRP B 183 15.03 -19.83 -49.06
CA TRP B 183 15.96 -19.92 -47.93
C TRP B 183 17.15 -18.98 -48.13
N LYS B 184 17.62 -18.86 -49.37
CA LYS B 184 18.81 -18.07 -49.65
C LYS B 184 18.64 -16.62 -49.19
N LEU B 185 17.54 -15.99 -49.59
CA LEU B 185 17.31 -14.60 -49.19
C LEU B 185 17.01 -14.47 -47.71
N THR B 186 16.35 -15.48 -47.11
CA THR B 186 16.03 -15.40 -45.68
C THR B 186 17.27 -15.30 -44.82
N LEU B 187 18.42 -15.72 -45.33
CA LEU B 187 19.67 -15.63 -44.59
C LEU B 187 19.98 -14.19 -44.21
N VAL B 188 19.63 -13.24 -45.07
CA VAL B 188 19.85 -11.82 -44.75
C VAL B 188 19.10 -11.44 -43.49
N MET B 189 17.83 -11.83 -43.40
CA MET B 189 17.06 -11.56 -42.18
C MET B 189 17.62 -12.33 -41.00
N LEU B 190 18.14 -13.53 -41.23
CA LEU B 190 18.71 -14.30 -40.13
C LEU B 190 19.91 -13.60 -39.51
N ALA B 191 20.68 -12.87 -40.34
CA ALA B 191 21.90 -12.23 -39.85
C ALA B 191 21.60 -11.11 -38.86
N ILE B 192 20.39 -10.55 -38.89
CA ILE B 192 20.07 -9.47 -37.97
C ILE B 192 19.80 -10.01 -36.57
N LEU B 193 19.39 -11.27 -36.48
CA LEU B 193 19.13 -11.87 -35.17
C LEU B 193 20.32 -11.78 -34.23
N PRO B 194 21.56 -12.12 -34.66
CA PRO B 194 22.70 -11.90 -33.76
C PRO B 194 22.85 -10.46 -33.29
N VAL B 195 22.66 -9.49 -34.20
CA VAL B 195 22.81 -8.09 -33.83
C VAL B 195 21.78 -7.70 -32.78
N ILE B 196 20.52 -8.09 -33.00
CA ILE B 196 19.47 -7.77 -32.04
C ILE B 196 19.79 -8.37 -30.68
N ALA B 197 20.29 -9.61 -30.66
CA ALA B 197 20.60 -10.27 -29.40
C ALA B 197 21.62 -9.47 -28.59
N VAL B 198 22.67 -9.00 -29.26
CA VAL B 198 23.71 -8.23 -28.57
C VAL B 198 23.11 -6.96 -27.96
N MET B 199 22.28 -6.26 -28.74
CA MET B 199 21.68 -5.02 -28.27
C MET B 199 20.76 -5.27 -27.07
N VAL B 200 19.97 -6.35 -27.12
CA VAL B 200 19.10 -6.68 -26.00
C VAL B 200 19.92 -6.92 -24.74
N THR B 201 21.04 -7.62 -24.87
CA THR B 201 21.89 -7.92 -23.71
C THR B 201 22.40 -6.64 -23.06
N THR B 202 22.93 -5.72 -23.87
CA THR B 202 23.47 -4.47 -23.33
C THR B 202 22.39 -3.67 -22.63
N ALA B 203 21.21 -3.57 -23.26
CA ALA B 203 20.13 -2.78 -22.68
C ALA B 203 19.67 -3.36 -21.35
N SER B 204 19.60 -4.68 -21.25
CA SER B 204 19.15 -5.32 -20.02
C SER B 204 20.10 -5.01 -18.86
N ARG B 205 21.42 -5.00 -19.14
CA ARG B 205 22.40 -4.66 -18.11
C ARG B 205 22.12 -3.27 -17.55
N LYS B 206 21.80 -2.32 -18.42
CA LYS B 206 21.45 -0.98 -17.97
C LYS B 206 20.14 -0.98 -17.19
N PHE B 207 19.12 -1.67 -17.71
CA PHE B 207 17.81 -1.69 -17.06
C PHE B 207 17.92 -2.20 -15.63
N ARG B 208 18.67 -3.28 -15.42
CA ARG B 208 18.74 -3.87 -14.08
C ARG B 208 19.38 -2.90 -13.09
N LYS B 209 20.47 -2.25 -13.49
CA LYS B 209 21.14 -1.29 -12.62
C LYS B 209 20.21 -0.15 -12.25
N GLN B 210 19.55 0.44 -13.25
CA GLN B 210 18.64 1.55 -13.00
C GLN B 210 17.46 1.10 -12.14
N SER B 211 16.99 -0.14 -12.34
CA SER B 211 15.87 -0.64 -11.56
C SER B 211 16.23 -0.73 -10.08
N LYS B 212 17.47 -1.12 -9.77
CA LYS B 212 17.92 -1.12 -8.37
C LYS B 212 17.78 0.27 -7.77
N LYS B 213 18.24 1.29 -8.49
CA LYS B 213 18.19 2.66 -7.99
C LYS B 213 16.76 3.12 -7.77
N ILE B 214 15.89 2.90 -8.75
CA ILE B 214 14.50 3.33 -8.63
C ILE B 214 13.84 2.63 -7.45
N GLN B 215 14.18 1.37 -7.22
CA GLN B 215 13.59 0.62 -6.11
C GLN B 215 13.88 1.27 -4.77
N VAL B 216 15.15 1.64 -4.53
CA VAL B 216 15.51 2.19 -3.23
C VAL B 216 14.84 3.55 -3.04
N ALA B 217 14.74 4.34 -4.11
CA ALA B 217 14.12 5.67 -4.01
C ALA B 217 12.64 5.55 -3.66
N MET B 218 11.94 4.61 -4.30
CA MET B 218 10.53 4.41 -4.01
C MET B 218 10.32 4.02 -2.56
N GLY B 219 11.20 3.17 -2.02
CA GLY B 219 11.10 2.78 -0.62
C GLY B 219 11.22 3.97 0.32
N ASP B 220 12.12 4.90 0.01
CA ASP B 220 12.28 6.09 0.86
C ASP B 220 11.01 6.93 0.84
N VAL B 221 10.35 7.03 -0.31
CA VAL B 221 9.08 7.75 -0.40
C VAL B 221 8.07 7.15 0.57
N THR B 222 7.94 5.83 0.54
CA THR B 222 6.99 5.15 1.42
C THR B 222 7.34 5.40 2.88
N HIS B 223 8.63 5.42 3.20
CA HIS B 223 9.04 5.54 4.59
C HIS B 223 8.65 6.91 5.15
N VAL B 224 8.93 7.98 4.40
CA VAL B 224 8.56 9.33 4.84
C VAL B 224 7.05 9.43 5.02
N ALA B 225 6.29 8.85 4.10
CA ALA B 225 4.83 8.87 4.22
C ALA B 225 4.37 8.11 5.46
N SER B 226 4.94 6.93 5.69
CA SER B 226 4.53 6.12 6.83
C SER B 226 4.79 6.84 8.15
N GLU B 227 5.97 7.45 8.27
CA GLU B 227 6.32 8.17 9.50
C GLU B 227 5.37 9.33 9.76
N THR B 228 4.69 9.83 8.73
CA THR B 228 3.77 10.95 8.86
C THR B 228 2.33 10.53 9.11
N ILE B 229 1.84 9.51 8.38
CA ILE B 229 0.47 9.05 8.53
C ILE B 229 0.31 8.31 9.86
N GLN B 230 1.41 8.08 10.55
CA GLN B 230 1.39 7.37 11.83
C GLN B 230 1.64 8.27 13.03
N GLY B 231 2.45 9.31 12.88
CA GLY B 231 2.71 10.23 13.96
C GLY B 231 2.23 11.64 13.65
N TYR B 232 1.04 11.74 13.06
CA TYR B 232 0.52 13.04 12.66
C TYR B 232 0.39 13.98 13.86
N ARG B 233 -0.03 13.45 15.01
CA ARG B 233 -0.21 14.28 16.19
C ARG B 233 1.11 14.92 16.64
N VAL B 234 2.20 14.15 16.61
CA VAL B 234 3.49 14.70 17.01
C VAL B 234 3.92 15.79 16.04
N VAL B 235 3.69 15.57 14.74
CA VAL B 235 4.06 16.55 13.73
C VAL B 235 3.27 17.85 13.92
N ARG B 236 1.97 17.73 14.20
CA ARG B 236 1.15 18.91 14.44
C ARG B 236 1.57 19.67 15.69
N SER B 237 1.86 18.95 16.78
CA SER B 237 2.06 19.62 18.06
C SER B 237 3.46 20.20 18.20
N PHE B 238 4.48 19.46 17.80
CA PHE B 238 5.87 19.90 17.97
C PHE B 238 6.46 20.47 16.68
N GLY B 239 5.61 20.95 15.78
CA GLY B 239 6.10 21.40 14.50
C GLY B 239 6.65 20.24 13.69
N GLY B 240 7.33 20.58 12.60
CA GLY B 240 7.91 19.60 11.72
C GLY B 240 7.18 19.43 10.41
N GLU B 241 6.12 20.18 10.16
CA GLU B 241 5.48 20.16 8.85
C GLU B 241 6.48 20.55 7.77
N ALA B 242 7.29 21.58 8.04
CA ALA B 242 8.34 21.98 7.10
C ALA B 242 9.39 20.88 6.95
N TYR B 243 9.82 20.30 8.07
CA TYR B 243 10.81 19.23 8.02
C TYR B 243 10.28 18.04 7.22
N GLU B 244 9.05 17.63 7.51
CA GLU B 244 8.48 16.47 6.84
C GLU B 244 8.24 16.74 5.35
N GLU B 245 7.74 17.93 5.03
CA GLU B 245 7.47 18.25 3.63
C GLU B 245 8.77 18.27 2.83
N LYS B 246 9.84 18.80 3.41
CA LYS B 246 11.12 18.83 2.72
C LYS B 246 11.62 17.43 2.43
N ARG B 247 11.50 16.52 3.42
CA ARG B 247 11.94 15.15 3.22
C ARG B 247 11.17 14.49 2.08
N PHE B 248 9.84 14.62 2.08
CA PHE B 248 9.04 13.99 1.05
C PHE B 248 9.38 14.54 -0.32
N LEU B 249 9.59 15.87 -0.41
CA LEU B 249 9.94 16.47 -1.69
C LEU B 249 11.25 15.91 -2.23
N ASP B 250 12.28 15.84 -1.39
CA ASP B 250 13.56 15.28 -1.83
C ASP B 250 13.40 13.84 -2.28
N ALA B 251 12.65 13.04 -1.50
CA ALA B 251 12.44 11.64 -1.85
C ALA B 251 11.73 11.51 -3.19
N SER B 252 10.65 12.27 -3.38
CA SER B 252 9.89 12.18 -4.62
C SER B 252 10.73 12.64 -5.80
N GLN B 253 11.53 13.69 -5.63
CA GLN B 253 12.39 14.18 -6.70
C GLN B 253 13.33 13.07 -7.18
N SER B 254 13.95 12.37 -6.23
CA SER B 254 14.88 11.30 -6.59
C SER B 254 14.19 10.21 -7.39
N ASN B 255 13.00 9.78 -6.94
CA ASN B 255 12.28 8.72 -7.64
C ASN B 255 11.96 9.13 -9.07
N THR B 256 11.45 10.35 -9.24
CA THR B 256 11.11 10.82 -10.58
C THR B 256 12.34 10.87 -11.49
N ASP B 257 13.44 11.42 -10.98
CA ASP B 257 14.66 11.51 -11.79
C ASP B 257 15.15 10.12 -12.21
N LYS B 258 15.18 9.19 -11.26
CA LYS B 258 15.62 7.83 -11.58
C LYS B 258 14.68 7.16 -12.59
N GLN B 259 13.37 7.35 -12.41
CA GLN B 259 12.40 6.75 -13.32
C GLN B 259 12.55 7.32 -14.73
N LEU B 260 12.80 8.62 -14.84
CA LEU B 260 13.01 9.22 -16.16
C LEU B 260 14.25 8.64 -16.83
N ARG B 261 15.31 8.44 -16.07
CA ARG B 261 16.54 7.85 -16.61
C ARG B 261 16.27 6.53 -17.31
N MET B 262 15.34 5.73 -16.77
CA MET B 262 15.02 4.46 -17.41
C MET B 262 14.17 4.66 -18.66
N THR B 263 13.31 5.68 -18.66
CA THR B 263 12.49 5.96 -19.84
C THR B 263 13.35 6.36 -21.03
N LYS B 264 14.36 7.20 -20.81
CA LYS B 264 15.21 7.65 -21.91
C LYS B 264 15.91 6.48 -22.58
N THR B 265 16.42 5.53 -21.77
CA THR B 265 17.09 4.36 -22.33
C THR B 265 16.17 3.56 -23.23
N GLY B 266 14.94 3.31 -22.77
CA GLY B 266 13.98 2.60 -23.59
C GLY B 266 13.55 3.38 -24.82
N ALA B 267 13.44 4.70 -24.69
CA ALA B 267 13.03 5.53 -25.81
C ALA B 267 14.04 5.54 -26.94
N VAL B 268 15.27 5.08 -26.69
CA VAL B 268 16.29 4.97 -27.73
C VAL B 268 16.45 3.50 -28.10
N TYR B 269 16.17 2.62 -27.14
CA TYR B 269 16.33 1.18 -27.35
C TYR B 269 15.40 0.67 -28.43
N THR B 270 14.10 0.93 -28.29
CA THR B 270 13.13 0.44 -29.28
C THR B 270 13.38 1.00 -30.68
N PRO B 271 13.56 2.32 -30.88
CA PRO B 271 13.78 2.81 -32.24
C PRO B 271 14.99 2.21 -32.93
N MET B 272 16.08 2.00 -32.19
CA MET B 272 17.30 1.46 -32.80
C MET B 272 17.04 0.08 -33.38
N LEU B 273 16.40 -0.80 -32.61
CA LEU B 273 16.14 -2.16 -33.08
C LEU B 273 15.28 -2.14 -34.32
N GLN B 274 14.25 -1.28 -34.35
CA GLN B 274 13.40 -1.17 -35.53
C GLN B 274 14.21 -0.72 -36.74
N LEU B 275 15.14 0.22 -36.54
CA LEU B 275 15.99 0.65 -37.65
C LEU B 275 16.82 -0.50 -38.19
N VAL B 276 17.35 -1.35 -37.31
CA VAL B 276 18.14 -2.50 -37.75
C VAL B 276 17.30 -3.39 -38.65
N ILE B 277 16.05 -3.68 -38.24
CA ILE B 277 15.17 -4.53 -39.02
C ILE B 277 14.91 -3.91 -40.39
N TYR B 278 14.57 -2.63 -40.41
CA TYR B 278 14.22 -1.98 -41.68
C TYR B 278 15.43 -1.82 -42.59
N VAL B 279 16.62 -1.61 -42.01
CA VAL B 279 17.83 -1.60 -42.82
C VAL B 279 18.01 -2.94 -43.52
N ALA B 280 17.81 -4.04 -42.77
CA ALA B 280 17.89 -5.37 -43.37
C ALA B 280 16.81 -5.57 -44.43
N MET B 281 15.59 -5.10 -44.15
CA MET B 281 14.52 -5.20 -45.13
C MET B 281 14.88 -4.46 -46.41
N ALA B 282 15.51 -3.29 -46.28
CA ALA B 282 15.96 -2.54 -47.44
C ALA B 282 16.92 -3.36 -48.28
N ILE B 283 17.89 -4.01 -47.63
CA ILE B 283 18.86 -4.83 -48.37
C ILE B 283 18.15 -5.94 -49.13
N LEU B 284 17.21 -6.61 -48.47
CA LEU B 284 16.50 -7.72 -49.09
C LEU B 284 15.75 -7.26 -50.35
N MET B 285 15.09 -6.11 -50.25
CA MET B 285 14.33 -5.59 -51.38
C MET B 285 15.24 -5.22 -52.55
N PHE B 286 16.43 -4.68 -52.26
CA PHE B 286 17.39 -4.40 -53.32
C PHE B 286 17.75 -5.67 -54.07
N LEU B 287 17.99 -6.75 -53.32
CA LEU B 287 18.38 -8.02 -53.95
C LEU B 287 17.26 -8.54 -54.85
N VAL B 288 16.02 -8.48 -54.38
CA VAL B 288 14.89 -8.97 -55.16
C VAL B 288 14.74 -8.15 -56.44
N LEU B 289 14.80 -6.83 -56.31
CA LEU B 289 14.66 -5.95 -57.48
C LEU B 289 15.84 -6.11 -58.44
N TRP B 290 17.05 -6.28 -57.90
CA TRP B 290 18.24 -6.39 -58.75
C TRP B 290 18.32 -7.77 -59.40
N LEU B 291 18.47 -8.81 -58.57
CA LEU B 291 18.64 -10.19 -59.05
C LEU B 291 17.29 -10.88 -59.05
N ARG B 292 16.45 -10.53 -60.01
CA ARG B 292 15.12 -11.12 -60.11
C ARG B 292 15.17 -12.36 -61.01
N GLY B 293 14.61 -13.45 -60.54
CA GLY B 293 14.55 -14.69 -61.28
C GLY B 293 13.26 -14.81 -62.09
N ASP B 294 12.74 -16.04 -62.16
CA ASP B 294 11.47 -16.30 -62.81
C ASP B 294 10.30 -16.34 -61.83
N ALA B 295 10.53 -15.98 -60.56
CA ALA B 295 9.48 -15.98 -59.57
C ALA B 295 8.37 -15.01 -59.95
N SER B 296 7.13 -15.42 -59.71
CA SER B 296 6.00 -14.56 -60.02
C SER B 296 5.98 -13.33 -59.11
N ALA B 297 5.33 -12.28 -59.59
CA ALA B 297 5.20 -11.07 -58.78
C ALA B 297 4.49 -11.37 -57.47
N GLY B 298 3.46 -12.22 -57.51
CA GLY B 298 2.77 -12.59 -56.28
C GLY B 298 3.66 -13.28 -55.28
N ASP B 299 4.53 -14.19 -55.75
CA ASP B 299 5.48 -14.84 -54.86
C ASP B 299 6.35 -13.82 -54.16
N LEU B 300 6.89 -12.86 -54.92
CA LEU B 300 7.75 -11.84 -54.33
C LEU B 300 6.99 -10.93 -53.38
N VAL B 301 5.76 -10.56 -53.75
CA VAL B 301 4.95 -9.70 -52.90
C VAL B 301 4.69 -10.36 -51.55
N ALA B 302 4.35 -11.66 -51.56
CA ALA B 302 4.10 -12.37 -50.32
C ALA B 302 5.34 -12.40 -49.44
N TYR B 303 6.51 -12.61 -50.04
CA TYR B 303 7.75 -12.68 -49.26
C TYR B 303 8.03 -11.35 -48.57
N ILE B 304 7.92 -10.24 -49.30
CA ILE B 304 8.14 -8.92 -48.73
C ILE B 304 7.10 -8.62 -47.66
N THR B 305 5.84 -8.97 -47.92
CA THR B 305 4.78 -8.73 -46.95
C THR B 305 5.06 -9.48 -45.65
N ALA B 306 5.49 -10.73 -45.75
CA ALA B 306 5.80 -11.52 -44.55
C ALA B 306 6.95 -10.89 -43.78
N ALA B 307 7.98 -10.42 -44.49
CA ALA B 307 9.11 -9.79 -43.83
C ALA B 307 8.69 -8.53 -43.07
N GLY B 308 7.78 -7.75 -43.65
CA GLY B 308 7.27 -6.56 -42.98
C GLY B 308 6.45 -6.84 -41.75
N LEU B 309 6.09 -8.10 -41.52
CA LEU B 309 5.36 -8.50 -40.32
C LEU B 309 6.28 -8.89 -39.18
N LEU B 310 7.59 -8.82 -39.39
CA LEU B 310 8.61 -9.07 -38.38
C LEU B 310 8.88 -7.86 -37.47
N PRO B 311 8.92 -6.62 -37.99
CA PRO B 311 9.20 -5.48 -37.11
C PRO B 311 8.23 -5.33 -35.95
N LYS B 312 6.92 -5.54 -36.20
CA LYS B 312 5.93 -5.39 -35.14
C LYS B 312 6.21 -6.29 -33.95
N PRO B 313 6.38 -7.61 -34.10
CA PRO B 313 6.63 -8.45 -32.91
C PRO B 313 7.88 -8.06 -32.15
N ILE B 314 8.95 -7.68 -32.85
CA ILE B 314 10.19 -7.32 -32.19
C ILE B 314 10.01 -6.08 -31.33
N ARG B 315 9.22 -5.11 -31.81
CA ARG B 315 8.94 -3.92 -31.01
C ARG B 315 8.27 -4.29 -29.70
N GLN B 316 7.26 -5.15 -29.74
CA GLN B 316 6.55 -5.53 -28.53
C GLN B 316 7.48 -6.22 -27.54
N LEU B 317 8.35 -7.11 -28.04
CA LEU B 317 9.33 -7.76 -27.18
C LEU B 317 10.28 -6.75 -26.57
N SER B 318 10.70 -5.74 -27.35
CA SER B 318 11.60 -4.72 -26.82
C SER B 318 10.94 -3.96 -25.69
N GLU B 319 9.64 -3.68 -25.81
CA GLU B 319 8.93 -2.92 -24.78
C GLU B 319 8.84 -3.69 -23.47
N VAL B 320 8.56 -5.00 -23.53
CA VAL B 320 8.44 -5.79 -22.31
C VAL B 320 9.79 -6.04 -21.66
N SER B 321 10.89 -5.81 -22.39
CA SER B 321 12.22 -6.06 -21.84
C SER B 321 12.48 -5.22 -20.60
N SER B 322 11.85 -4.05 -20.50
CA SER B 322 12.01 -3.19 -19.34
C SER B 322 11.00 -3.49 -18.24
N THR B 323 9.77 -3.87 -18.63
CA THR B 323 8.72 -4.13 -17.65
C THR B 323 9.12 -5.27 -16.72
N VAL B 324 9.74 -6.32 -17.26
CA VAL B 324 10.15 -7.45 -16.44
C VAL B 324 11.18 -7.02 -15.41
N GLN B 325 12.16 -6.22 -15.84
CA GLN B 325 13.22 -5.76 -14.95
C GLN B 325 12.69 -4.83 -13.86
N ARG B 326 11.48 -4.29 -14.03
CA ARG B 326 10.92 -3.37 -13.05
C ARG B 326 10.12 -4.09 -11.97
N GLY B 327 9.57 -5.27 -12.28
CA GLY B 327 8.84 -6.04 -11.30
C GLY B 327 9.67 -6.97 -10.44
N VAL B 328 10.96 -7.13 -10.76
CA VAL B 328 11.80 -8.07 -10.01
C VAL B 328 11.91 -7.64 -8.55
N ALA B 329 12.03 -6.33 -8.32
CA ALA B 329 12.22 -5.82 -6.95
C ALA B 329 11.14 -6.32 -6.02
N GLY B 330 9.87 -6.19 -6.43
CA GLY B 330 8.78 -6.65 -5.60
C GLY B 330 8.81 -8.15 -5.36
N ALA B 331 9.18 -8.91 -6.38
CA ALA B 331 9.23 -10.37 -6.23
C ALA B 331 10.23 -10.77 -5.15
N GLU B 332 11.36 -10.07 -5.08
CA GLU B 332 12.36 -10.35 -4.05
C GLU B 332 11.77 -10.24 -2.66
N SER B 333 10.98 -9.19 -2.41
CA SER B 333 10.37 -9.00 -1.10
C SER B 333 9.31 -10.06 -0.83
N ILE B 334 8.47 -10.35 -1.83
CA ILE B 334 7.41 -11.33 -1.64
C ILE B 334 7.99 -12.69 -1.31
N PHE B 335 9.03 -13.10 -2.03
CA PHE B 335 9.66 -14.40 -1.81
C PHE B 335 10.66 -14.37 -0.68
N GLU B 336 10.75 -13.26 0.06
CA GLU B 336 11.56 -13.16 1.27
C GLU B 336 10.74 -13.43 2.53
N GLN B 337 9.54 -12.82 2.62
CA GLN B 337 8.65 -13.11 3.74
C GLN B 337 8.24 -14.57 3.74
N LEU B 338 7.95 -15.13 2.56
CA LEU B 338 7.58 -16.53 2.45
C LEU B 338 8.71 -17.46 2.91
N ASP B 339 9.96 -17.00 2.83
CA ASP B 339 11.11 -17.76 3.30
C ASP B 339 11.50 -17.43 4.73
N GLU B 340 10.89 -16.42 5.34
CA GLU B 340 11.21 -16.04 6.70
C GLU B 340 10.93 -17.19 7.65
N ALA B 341 11.78 -17.37 8.65
CA ALA B 341 11.58 -18.44 9.61
C ALA B 341 10.35 -18.15 10.46
N ALA B 342 9.58 -19.21 10.76
CA ALA B 342 8.38 -19.11 11.56
C ALA B 342 8.68 -19.48 13.01
N GLU B 343 7.70 -19.24 13.88
CA GLU B 343 7.84 -19.60 15.29
C GLU B 343 8.04 -21.10 15.43
N GLU B 344 8.92 -21.50 16.35
CA GLU B 344 9.20 -22.92 16.57
C GLU B 344 8.01 -23.56 17.29
N ASP B 345 7.44 -24.59 16.68
CA ASP B 345 6.29 -25.28 17.25
C ASP B 345 6.45 -26.81 17.10
N GLN B 346 7.58 -27.32 17.57
CA GLN B 346 7.88 -28.74 17.48
C GLN B 346 7.24 -29.58 18.58
N GLY B 347 6.46 -28.96 19.48
CA GLY B 347 5.79 -29.72 20.52
C GLY B 347 4.60 -30.50 20.00
N THR B 348 4.13 -31.43 20.83
CA THR B 348 3.03 -32.31 20.45
C THR B 348 1.93 -32.36 21.51
N VAL B 349 2.28 -32.12 22.77
CA VAL B 349 1.32 -32.21 23.86
C VAL B 349 0.14 -31.28 23.59
N GLU B 350 -1.08 -31.78 23.80
CA GLU B 350 -2.28 -30.96 23.62
C GLU B 350 -3.31 -31.36 24.68
N LYS B 351 -3.21 -30.75 25.86
CA LYS B 351 -4.17 -31.03 26.93
C LYS B 351 -5.43 -30.21 26.73
N GLU B 352 -6.57 -30.77 27.16
CA GLU B 352 -7.81 -30.02 27.06
C GLU B 352 -7.88 -28.91 28.10
N ARG B 353 -7.45 -29.19 29.33
CA ARG B 353 -7.44 -28.21 30.41
C ARG B 353 -6.23 -28.45 31.29
N VAL B 354 -5.79 -27.41 31.99
CA VAL B 354 -4.64 -27.49 32.87
C VAL B 354 -5.02 -26.93 34.24
N SER B 355 -4.31 -27.41 35.27
CA SER B 355 -4.62 -26.97 36.63
C SER B 355 -4.29 -25.48 36.81
N GLY B 356 -3.18 -25.03 36.23
CA GLY B 356 -2.75 -23.65 36.34
C GLY B 356 -1.45 -23.44 37.08
N ARG B 357 -0.78 -24.51 37.51
CA ARG B 357 0.49 -24.38 38.22
C ARG B 357 1.58 -23.95 37.24
N LEU B 358 2.26 -22.85 37.56
CA LEU B 358 3.32 -22.32 36.71
C LEU B 358 4.61 -22.20 37.52
N GLU B 359 5.69 -22.79 37.01
CA GLU B 359 6.97 -22.79 37.69
C GLU B 359 8.06 -22.33 36.74
N VAL B 360 8.89 -21.40 37.21
CA VAL B 360 10.05 -20.89 36.47
C VAL B 360 11.30 -21.24 37.26
N ARG B 361 12.30 -21.80 36.58
CA ARG B 361 13.50 -22.33 37.23
C ARG B 361 14.74 -21.83 36.50
N ASN B 362 15.48 -20.93 37.15
CA ASN B 362 16.75 -20.41 36.65
C ASN B 362 16.63 -19.90 35.22
N LEU B 363 15.60 -19.09 34.98
CA LEU B 363 15.32 -18.56 33.64
C LEU B 363 16.12 -17.30 33.42
N SER B 364 16.90 -17.27 32.34
CA SER B 364 17.70 -16.11 31.95
C SER B 364 17.49 -15.86 30.46
N PHE B 365 17.17 -14.61 30.10
CA PHE B 365 16.84 -14.26 28.73
C PHE B 365 17.55 -12.99 28.32
N ARG B 366 17.92 -12.92 27.05
CA ARG B 366 18.51 -11.73 26.45
C ARG B 366 17.87 -11.53 25.09
N TYR B 367 17.30 -10.35 24.85
CA TYR B 367 16.57 -10.12 23.60
C TYR B 367 17.47 -10.41 22.41
N PRO B 368 16.96 -11.10 21.39
CA PRO B 368 17.82 -11.50 20.27
C PRO B 368 18.38 -10.30 19.53
N GLY B 369 19.69 -10.33 19.28
CA GLY B 369 20.38 -9.22 18.66
C GLY B 369 20.93 -8.20 19.63
N THR B 370 20.96 -8.51 20.93
CA THR B 370 21.47 -7.62 21.96
C THR B 370 22.41 -8.41 22.86
N ASP B 371 23.14 -7.68 23.71
CA ASP B 371 24.05 -8.30 24.66
C ASP B 371 23.67 -8.02 26.11
N LYS B 372 22.58 -7.29 26.36
CA LYS B 372 22.14 -7.00 27.71
C LYS B 372 21.29 -8.15 28.23
N GLN B 373 21.54 -8.57 29.47
CA GLN B 373 20.79 -9.64 30.10
C GLN B 373 19.58 -9.02 30.79
N VAL B 374 18.43 -9.04 30.11
CA VAL B 374 17.22 -8.44 30.66
C VAL B 374 16.86 -9.11 31.98
N LEU B 375 16.94 -10.43 32.03
CA LEU B 375 16.58 -11.21 33.20
C LEU B 375 17.61 -12.31 33.40
N ASP B 376 17.94 -12.61 34.65
CA ASP B 376 18.90 -13.67 34.95
C ASP B 376 18.58 -14.32 36.30
N ASP B 377 18.56 -15.64 36.31
CA ASP B 377 18.35 -16.45 37.52
C ASP B 377 17.07 -16.06 38.25
N ILE B 378 15.95 -16.36 37.59
CA ILE B 378 14.61 -16.08 38.12
C ILE B 378 13.91 -17.40 38.38
N SER B 379 13.46 -17.61 39.62
CA SER B 379 12.77 -18.83 40.01
C SER B 379 11.57 -18.52 40.89
N PHE B 380 10.41 -19.04 40.51
CA PHE B 380 9.19 -18.86 41.30
C PHE B 380 8.18 -19.94 40.91
N ILE B 381 7.43 -20.43 41.89
CA ILE B 381 6.43 -21.47 41.70
C ILE B 381 5.05 -20.90 42.01
N ALA B 382 4.11 -21.07 41.08
CA ALA B 382 2.74 -20.64 41.25
C ALA B 382 1.83 -21.86 41.26
N GLU B 383 0.82 -21.85 42.12
CA GLU B 383 -0.12 -22.95 42.28
C GLU B 383 -1.55 -22.46 42.06
N PRO B 384 -2.48 -23.36 41.72
CA PRO B 384 -3.87 -22.93 41.50
C PRO B 384 -4.45 -22.26 42.74
N GLY B 385 -5.23 -21.21 42.51
CA GLY B 385 -5.82 -20.46 43.60
C GLY B 385 -4.87 -19.51 44.30
N GLN B 386 -3.68 -19.30 43.76
CA GLN B 386 -2.67 -18.43 44.37
C GLN B 386 -2.49 -17.19 43.52
N MET B 387 -2.25 -16.07 44.20
CA MET B 387 -2.08 -14.77 43.55
C MET B 387 -0.62 -14.33 43.63
N ILE B 388 -0.03 -14.02 42.48
CA ILE B 388 1.37 -13.63 42.40
C ILE B 388 1.42 -12.22 41.83
N ALA B 389 2.09 -11.32 42.53
CA ALA B 389 2.23 -9.93 42.10
C ALA B 389 3.69 -9.63 41.77
N LEU B 390 3.90 -8.79 40.77
CA LEU B 390 5.24 -8.41 40.33
C LEU B 390 5.40 -6.90 40.40
N VAL B 391 6.48 -6.45 41.04
CA VAL B 391 6.82 -5.05 41.13
C VAL B 391 8.27 -4.86 40.72
N GLY B 392 8.59 -3.67 40.27
CA GLY B 392 9.91 -3.39 39.74
C GLY B 392 10.18 -1.91 39.66
N ARG B 393 11.23 -1.58 38.91
CA ARG B 393 11.69 -0.20 38.74
C ARG B 393 11.75 0.13 37.25
N SER B 394 10.60 0.49 36.69
CA SER B 394 10.45 1.06 35.34
C SER B 394 11.44 0.43 34.35
N GLY B 395 11.36 -0.88 34.21
CA GLY B 395 12.23 -1.57 33.27
C GLY B 395 13.05 -2.68 33.88
N SER B 396 12.60 -3.23 35.01
CA SER B 396 13.31 -4.33 35.64
C SER B 396 13.19 -5.63 34.87
N GLY B 397 12.19 -5.74 33.99
CA GLY B 397 11.98 -6.96 33.22
C GLY B 397 10.67 -7.64 33.54
N LYS B 398 9.77 -6.91 34.19
CA LYS B 398 8.46 -7.46 34.56
C LYS B 398 7.66 -7.85 33.33
N SER B 399 7.65 -6.98 32.31
CA SER B 399 6.92 -7.27 31.08
C SER B 399 7.63 -8.30 30.20
N THR B 400 8.95 -8.42 30.35
CA THR B 400 9.69 -9.41 29.57
C THR B 400 9.45 -10.83 30.08
N LEU B 401 9.39 -11.00 31.40
CA LEU B 401 9.15 -12.33 31.97
C LEU B 401 7.74 -12.82 31.68
N ALA B 402 6.77 -11.91 31.69
CA ALA B 402 5.38 -12.29 31.45
C ALA B 402 5.11 -12.61 29.97
N ASN B 403 5.99 -12.20 29.06
CA ASN B 403 5.84 -12.49 27.65
C ASN B 403 6.59 -13.74 27.22
N LEU B 404 7.20 -14.45 28.17
CA LEU B 404 7.85 -15.73 27.90
C LEU B 404 6.94 -16.90 28.19
N VAL B 405 6.04 -16.76 29.16
CA VAL B 405 5.02 -17.78 29.41
C VAL B 405 4.14 -18.02 28.16
N PRO B 406 3.61 -17.00 27.50
CA PRO B 406 2.88 -17.24 26.24
C PRO B 406 3.80 -17.61 25.09
N ARG B 407 5.11 -17.68 25.33
CA ARG B 407 6.10 -18.04 24.32
C ARG B 407 6.12 -17.05 23.17
N PHE B 408 5.87 -15.77 23.47
CA PHE B 408 6.01 -14.74 22.45
C PHE B 408 7.47 -14.58 22.03
N TYR B 409 8.39 -14.75 22.98
CA TYR B 409 9.82 -14.74 22.71
C TYR B 409 10.42 -16.04 23.25
N GLN B 410 11.30 -16.65 22.47
CA GLN B 410 11.86 -17.95 22.83
C GLN B 410 12.92 -17.81 23.90
N HIS B 411 12.90 -18.71 24.89
CA HIS B 411 13.89 -18.70 25.95
C HIS B 411 14.84 -19.89 25.76
N ASN B 412 16.11 -19.68 26.05
CA ASN B 412 17.13 -20.70 25.88
C ASN B 412 17.64 -21.27 27.20
N ASP B 413 17.81 -20.45 28.22
CA ASP B 413 18.27 -20.89 29.53
C ASP B 413 17.09 -20.93 30.50
N GLY B 414 17.08 -21.94 31.37
CA GLY B 414 15.99 -22.09 32.33
C GLY B 414 14.83 -22.88 31.77
N LYS B 415 13.82 -23.07 32.63
CA LYS B 415 12.67 -23.91 32.30
C LYS B 415 11.39 -23.26 32.79
N ILE B 416 10.43 -23.06 31.89
CA ILE B 416 9.10 -22.55 32.21
C ILE B 416 8.12 -23.70 32.05
N LEU B 417 7.54 -24.16 33.16
CA LEU B 417 6.72 -25.36 33.18
C LEU B 417 5.29 -25.00 33.58
N LEU B 418 4.33 -25.42 32.75
CA LEU B 418 2.92 -25.18 33.01
C LEU B 418 2.24 -26.53 33.22
N ASP B 419 1.72 -26.75 34.43
CA ASP B 419 1.04 -27.98 34.81
C ASP B 419 1.98 -29.19 34.82
N GLY B 420 3.29 -28.94 34.88
CA GLY B 420 4.27 -30.01 34.91
C GLY B 420 4.95 -30.28 33.58
N VAL B 421 4.56 -29.59 32.52
CA VAL B 421 5.11 -29.80 31.19
C VAL B 421 5.72 -28.48 30.72
N GLU B 422 6.95 -28.55 30.20
CA GLU B 422 7.61 -27.36 29.68
C GLU B 422 6.75 -26.74 28.58
N VAL B 423 6.64 -25.40 28.61
CA VAL B 423 5.81 -24.70 27.64
C VAL B 423 6.25 -25.02 26.21
N GLU B 424 7.50 -25.43 26.03
CA GLU B 424 8.00 -25.77 24.71
C GLU B 424 7.33 -27.04 24.18
N ASP B 425 7.05 -28.00 25.05
CA ASP B 425 6.44 -29.25 24.62
C ASP B 425 4.98 -29.08 24.20
N TYR B 426 4.32 -28.00 24.63
CA TYR B 426 2.93 -27.76 24.26
C TYR B 426 2.86 -27.16 22.87
N ARG B 427 1.86 -27.58 22.10
CA ARG B 427 1.62 -26.93 20.82
C ARG B 427 1.26 -25.48 21.07
N LEU B 428 1.83 -24.57 20.25
CA LEU B 428 1.67 -23.15 20.51
C LEU B 428 0.20 -22.76 20.68
N ARG B 429 -0.67 -23.31 19.83
CA ARG B 429 -2.08 -22.96 19.91
C ARG B 429 -2.71 -23.44 21.21
N ASN B 430 -2.42 -24.69 21.60
CA ASN B 430 -3.00 -25.22 22.83
C ASN B 430 -2.50 -24.48 24.05
N LEU B 431 -1.20 -24.14 24.08
CA LEU B 431 -0.64 -23.41 25.21
C LEU B 431 -1.28 -22.04 25.36
N ARG B 432 -1.38 -21.30 24.26
CA ARG B 432 -1.96 -19.96 24.30
C ARG B 432 -3.46 -20.00 24.63
N ARG B 433 -4.13 -21.13 24.38
CA ARG B 433 -5.52 -21.28 24.77
C ARG B 433 -5.69 -21.39 26.28
N HIS B 434 -4.66 -21.84 26.99
CA HIS B 434 -4.75 -22.02 28.43
C HIS B 434 -4.32 -20.78 29.22
N ILE B 435 -3.99 -19.68 28.54
CA ILE B 435 -3.46 -18.48 29.18
C ILE B 435 -4.22 -17.27 28.65
N ALA B 436 -4.70 -16.42 29.57
CA ALA B 436 -5.37 -15.18 29.22
C ALA B 436 -4.51 -14.00 29.68
N LEU B 437 -4.23 -13.08 28.76
CA LEU B 437 -3.28 -12.00 29.00
C LEU B 437 -3.85 -10.64 28.61
N VAL B 438 -3.65 -9.65 29.47
CA VAL B 438 -4.02 -8.26 29.21
C VAL B 438 -2.73 -7.48 29.07
N THR B 439 -2.34 -7.21 27.83
CA THR B 439 -1.10 -6.50 27.56
C THR B 439 -1.20 -5.04 27.99
N GLN B 440 -0.03 -4.42 28.19
CA GLN B 440 0.00 -3.02 28.61
C GLN B 440 -0.56 -2.11 27.52
N GLN B 441 -0.31 -2.45 26.25
CA GLN B 441 -0.80 -1.67 25.12
C GLN B 441 -2.15 -2.24 24.70
N VAL B 442 -3.23 -1.54 25.05
CA VAL B 442 -4.57 -2.02 24.71
C VAL B 442 -4.81 -1.83 23.22
N THR B 443 -5.36 -2.86 22.57
CA THR B 443 -5.64 -2.82 21.14
C THR B 443 -7.04 -3.37 20.91
N LEU B 444 -7.86 -2.62 20.16
CA LEU B 444 -9.26 -2.98 19.93
C LEU B 444 -9.56 -2.91 18.44
N PHE B 445 -10.19 -3.95 17.90
CA PHE B 445 -10.55 -3.97 16.49
C PHE B 445 -11.69 -3.00 16.22
N ASN B 446 -11.83 -2.60 14.96
CA ASN B 446 -12.91 -1.67 14.57
C ASN B 446 -14.19 -2.46 14.35
N ASP B 447 -14.90 -2.71 15.43
CA ASP B 447 -16.14 -3.47 15.40
C ASP B 447 -16.97 -3.11 16.62
N SER B 448 -18.06 -3.84 16.85
CA SER B 448 -18.93 -3.55 17.97
C SER B 448 -18.23 -3.88 19.29
N VAL B 449 -18.76 -3.31 20.37
CA VAL B 449 -18.22 -3.60 21.69
C VAL B 449 -18.31 -5.09 21.99
N ALA B 450 -19.46 -5.70 21.66
CA ALA B 450 -19.65 -7.12 21.92
C ALA B 450 -18.67 -7.97 21.12
N ASN B 451 -18.47 -7.65 19.85
CA ASN B 451 -17.57 -8.46 19.02
C ASN B 451 -16.13 -8.35 19.52
N ASN B 452 -15.74 -7.18 20.02
CA ASN B 452 -14.40 -7.05 20.60
C ASN B 452 -14.29 -7.83 21.91
N ILE B 453 -15.31 -7.77 22.76
CA ILE B 453 -15.26 -8.49 24.03
C ILE B 453 -15.18 -10.00 23.80
N ALA B 454 -15.84 -10.50 22.77
CA ALA B 454 -15.84 -11.92 22.43
C ALA B 454 -15.21 -12.09 21.05
N TYR B 455 -13.90 -12.37 21.03
CA TYR B 455 -13.16 -12.50 19.78
C TYR B 455 -12.48 -13.86 19.75
N GLY B 456 -12.53 -14.52 18.59
CA GLY B 456 -11.82 -15.77 18.41
C GLY B 456 -12.47 -16.97 19.07
N ASP B 457 -11.78 -17.56 20.06
CA ASP B 457 -12.28 -18.78 20.69
C ASP B 457 -13.64 -18.56 21.34
N LEU B 458 -13.80 -17.42 22.02
CA LEU B 458 -15.04 -17.13 22.74
C LEU B 458 -16.09 -16.50 21.84
N ALA B 459 -15.81 -16.41 20.54
CA ALA B 459 -16.78 -15.86 19.60
C ALA B 459 -18.05 -16.71 19.59
N GLY B 460 -19.19 -16.05 19.42
CA GLY B 460 -20.47 -16.70 19.46
C GLY B 460 -21.03 -16.91 20.85
N ALA B 461 -20.38 -16.38 21.88
CA ALA B 461 -20.86 -16.54 23.24
C ALA B 461 -22.21 -15.80 23.38
N PRO B 462 -23.09 -16.29 24.26
CA PRO B 462 -24.39 -15.64 24.41
C PRO B 462 -24.23 -14.25 25.01
N ARG B 463 -25.14 -13.35 24.63
CA ARG B 463 -25.05 -11.95 25.07
C ARG B 463 -24.99 -11.86 26.60
N GLU B 464 -25.68 -12.78 27.29
CA GLU B 464 -25.72 -12.75 28.74
C GLU B 464 -24.32 -12.91 29.33
N GLU B 465 -23.57 -13.87 28.82
CA GLU B 465 -22.18 -14.06 29.26
C GLU B 465 -21.33 -12.84 28.96
N ILE B 466 -21.50 -12.25 27.77
CA ILE B 466 -20.74 -11.05 27.41
C ILE B 466 -21.01 -9.92 28.40
N GLU B 467 -22.29 -9.71 28.71
CA GLU B 467 -22.66 -8.66 29.65
C GLU B 467 -22.12 -8.94 31.04
N ARG B 468 -22.13 -10.21 31.45
CA ARG B 468 -21.59 -10.57 32.77
C ARG B 468 -20.12 -10.21 32.88
N ALA B 469 -19.34 -10.50 31.83
CA ALA B 469 -17.93 -10.14 31.84
C ALA B 469 -17.75 -8.62 31.90
N ALA B 470 -18.58 -7.89 31.15
CA ALA B 470 -18.50 -6.43 31.17
C ALA B 470 -18.78 -5.88 32.56
N LYS B 471 -19.73 -6.48 33.29
CA LYS B 471 -20.04 -6.03 34.63
C LYS B 471 -18.83 -6.19 35.55
N ALA B 472 -18.12 -7.30 35.42
CA ALA B 472 -16.93 -7.54 36.25
C ALA B 472 -15.85 -6.50 35.97
N ALA B 473 -15.72 -6.07 34.71
CA ALA B 473 -14.74 -5.07 34.34
C ALA B 473 -15.23 -3.64 34.55
N ASN B 474 -16.38 -3.47 35.22
CA ASN B 474 -16.98 -2.17 35.47
C ASN B 474 -17.12 -1.39 34.16
N ALA B 475 -17.56 -2.10 33.12
CA ALA B 475 -17.72 -1.54 31.80
C ALA B 475 -19.17 -1.42 31.35
N LYS B 476 -20.07 -2.25 31.88
CA LYS B 476 -21.46 -2.23 31.45
C LYS B 476 -22.07 -0.84 31.58
N GLU B 477 -21.66 -0.09 32.60
CA GLU B 477 -22.24 1.23 32.85
C GLU B 477 -22.03 2.15 31.66
N PHE B 478 -20.79 2.28 31.18
CA PHE B 478 -20.57 3.16 30.04
C PHE B 478 -21.05 2.49 28.74
N ILE B 479 -20.97 1.16 28.65
CA ILE B 479 -21.45 0.49 27.45
C ILE B 479 -22.95 0.68 27.29
N ASP B 480 -23.70 0.65 28.39
CA ASP B 480 -25.15 0.84 28.29
C ASP B 480 -25.49 2.26 27.83
N ASN B 481 -24.73 3.25 28.30
CA ASN B 481 -24.99 4.64 27.93
C ASN B 481 -24.52 4.98 26.52
N LEU B 482 -23.89 4.04 25.83
CA LEU B 482 -23.45 4.25 24.46
C LEU B 482 -24.66 4.41 23.52
N PRO B 483 -24.46 4.98 22.33
CA PRO B 483 -25.62 5.26 21.45
C PRO B 483 -26.43 4.02 21.09
N GLN B 484 -25.78 2.93 20.73
CA GLN B 484 -26.44 1.69 20.30
C GLN B 484 -26.14 0.54 21.25
N GLY B 485 -25.81 0.85 22.51
CA GLY B 485 -25.59 -0.19 23.50
C GLY B 485 -24.34 -1.00 23.22
N PHE B 486 -24.44 -2.32 23.46
CA PHE B 486 -23.34 -3.23 23.21
C PHE B 486 -23.05 -3.41 21.71
N ASP B 487 -23.86 -2.82 20.84
CA ASP B 487 -23.67 -2.91 19.40
C ASP B 487 -23.02 -1.67 18.80
N THR B 488 -22.66 -0.69 19.63
CA THR B 488 -21.93 0.48 19.15
C THR B 488 -20.57 0.06 18.60
N GLU B 489 -20.11 0.79 17.60
CA GLU B 489 -18.78 0.54 17.03
C GLU B 489 -17.76 1.40 17.77
N VAL B 490 -16.71 0.75 18.26
CA VAL B 490 -15.69 1.45 19.04
C VAL B 490 -14.84 2.37 18.15
N GLY B 491 -14.89 2.19 16.84
CA GLY B 491 -14.04 2.94 15.93
C GLY B 491 -12.68 2.30 15.78
N GLU B 492 -11.87 2.92 14.92
CA GLU B 492 -10.53 2.42 14.67
C GLU B 492 -9.71 2.44 15.96
N ASN B 493 -9.22 1.27 16.36
CA ASN B 493 -8.45 1.13 17.60
C ASN B 493 -9.18 1.76 18.79
N GLY B 494 -10.50 1.72 18.77
CA GLY B 494 -11.29 2.28 19.85
C GLY B 494 -11.07 3.76 20.08
N VAL B 495 -10.85 4.53 19.01
CA VAL B 495 -10.64 5.97 19.17
C VAL B 495 -11.89 6.62 19.74
N LEU B 496 -13.08 6.14 19.35
CA LEU B 496 -14.32 6.72 19.81
C LEU B 496 -14.55 6.50 21.31
N LEU B 497 -13.69 5.73 21.97
CA LEU B 497 -13.80 5.43 23.38
C LEU B 497 -12.64 6.07 24.14
N SER B 498 -12.85 6.35 25.41
CA SER B 498 -11.81 6.94 26.25
C SER B 498 -10.75 5.89 26.58
N GLY B 499 -9.60 6.38 27.05
CA GLY B 499 -8.48 5.49 27.32
C GLY B 499 -8.78 4.46 28.39
N GLY B 500 -9.37 4.91 29.50
CA GLY B 500 -9.74 3.97 30.56
C GLY B 500 -10.85 3.04 30.13
N GLN B 501 -11.79 3.55 29.33
CA GLN B 501 -12.87 2.71 28.81
C GLN B 501 -12.32 1.60 27.92
N ARG B 502 -11.35 1.94 27.06
CA ARG B 502 -10.72 0.94 26.21
C ARG B 502 -10.01 -0.13 27.03
N GLN B 503 -9.31 0.29 28.09
CA GLN B 503 -8.63 -0.67 28.96
C GLN B 503 -9.61 -1.63 29.62
N ARG B 504 -10.77 -1.11 30.06
CA ARG B 504 -11.76 -1.95 30.70
C ARG B 504 -12.36 -2.96 29.73
N LEU B 505 -12.57 -2.57 28.47
CA LEU B 505 -13.01 -3.52 27.45
C LEU B 505 -12.01 -4.65 27.28
N ALA B 506 -10.70 -4.33 27.30
CA ALA B 506 -9.68 -5.37 27.20
C ALA B 506 -9.73 -6.33 28.37
N ILE B 507 -9.91 -5.79 29.58
CA ILE B 507 -10.04 -6.64 30.76
C ILE B 507 -11.22 -7.59 30.59
N ALA B 508 -12.34 -7.08 30.04
CA ALA B 508 -13.52 -7.92 29.84
C ALA B 508 -13.23 -9.06 28.88
N ARG B 509 -12.50 -8.80 27.79
CA ARG B 509 -12.15 -9.86 26.85
C ARG B 509 -11.43 -11.00 27.55
N ALA B 510 -10.44 -10.67 28.39
CA ALA B 510 -9.70 -11.69 29.11
C ALA B 510 -10.59 -12.45 30.08
N LEU B 511 -11.46 -11.72 30.80
CA LEU B 511 -12.34 -12.37 31.76
C LEU B 511 -13.27 -13.37 31.08
N LEU B 512 -13.73 -13.05 29.87
CA LEU B 512 -14.61 -13.96 29.14
C LEU B 512 -13.89 -15.25 28.80
N LYS B 513 -12.63 -15.15 28.36
CA LYS B 513 -11.83 -16.33 28.02
C LYS B 513 -11.33 -16.97 29.32
N ASP B 514 -12.26 -17.62 30.02
CA ASP B 514 -11.92 -18.27 31.28
C ASP B 514 -10.81 -19.27 31.04
N ALA B 515 -9.63 -18.98 31.60
CA ALA B 515 -8.44 -19.81 31.43
C ALA B 515 -7.81 -20.08 32.78
N PRO B 516 -7.11 -21.20 32.92
CA PRO B 516 -6.48 -21.50 34.22
C PRO B 516 -5.50 -20.45 34.67
N LEU B 517 -4.78 -19.83 33.74
CA LEU B 517 -3.79 -18.81 34.05
C LEU B 517 -4.24 -17.47 33.49
N LEU B 518 -4.18 -16.43 34.32
CA LEU B 518 -4.56 -15.07 33.93
C LEU B 518 -3.42 -14.13 34.25
N ILE B 519 -2.85 -13.50 33.23
CA ILE B 519 -1.76 -12.56 33.38
C ILE B 519 -2.28 -11.16 33.04
N LEU B 520 -1.97 -10.20 33.91
CA LEU B 520 -2.40 -8.82 33.74
C LEU B 520 -1.19 -7.91 33.96
N ASP B 521 -0.83 -7.14 32.93
CA ASP B 521 0.33 -6.25 32.99
C ASP B 521 -0.21 -4.82 33.01
N GLU B 522 -0.30 -4.25 34.22
CA GLU B 522 -0.74 -2.87 34.42
C GLU B 522 -2.11 -2.63 33.77
N ALA B 523 -3.11 -3.35 34.29
CA ALA B 523 -4.46 -3.28 33.78
C ALA B 523 -5.28 -2.14 34.37
N THR B 524 -4.68 -1.33 35.25
CA THR B 524 -5.38 -0.20 35.87
C THR B 524 -4.57 1.09 35.74
N SER B 525 -3.74 1.19 34.70
CA SER B 525 -2.93 2.39 34.53
C SER B 525 -3.78 3.60 34.15
N ALA B 526 -4.85 3.39 33.39
CA ALA B 526 -5.71 4.46 32.93
C ALA B 526 -7.02 4.54 33.70
N LEU B 527 -7.07 3.95 34.88
CA LEU B 527 -8.28 3.97 35.72
C LEU B 527 -8.00 4.72 37.00
N ASP B 528 -9.05 5.33 37.56
CA ASP B 528 -8.94 6.07 38.80
C ASP B 528 -8.90 5.12 39.99
N THR B 529 -8.83 5.69 41.20
CA THR B 529 -8.70 4.88 42.40
C THR B 529 -9.99 4.13 42.72
N GLU B 530 -11.14 4.66 42.32
CA GLU B 530 -12.42 4.02 42.62
C GLU B 530 -12.84 3.01 41.56
N SER B 531 -12.63 3.32 40.28
CA SER B 531 -12.94 2.35 39.23
C SER B 531 -12.06 1.12 39.35
N GLU B 532 -10.79 1.31 39.69
CA GLU B 532 -9.89 0.17 39.88
C GLU B 532 -10.32 -0.68 41.06
N ARG B 533 -10.97 -0.07 42.06
CA ARG B 533 -11.44 -0.84 43.22
C ARG B 533 -12.59 -1.77 42.82
N HIS B 534 -13.49 -1.28 41.95
CA HIS B 534 -14.60 -2.11 41.51
C HIS B 534 -14.15 -3.32 40.69
N ILE B 535 -12.93 -3.28 40.16
CA ILE B 535 -12.40 -4.42 39.41
C ILE B 535 -11.72 -5.42 40.34
N GLN B 536 -10.90 -4.93 41.28
CA GLN B 536 -10.27 -5.82 42.24
C GLN B 536 -11.26 -6.43 43.21
N ALA B 537 -12.40 -5.78 43.45
CA ALA B 537 -13.43 -6.34 44.31
C ALA B 537 -14.21 -7.46 43.63
N ALA B 538 -14.16 -7.54 42.30
CA ALA B 538 -14.81 -8.61 41.56
C ALA B 538 -13.84 -9.68 41.07
N LEU B 539 -12.55 -9.35 40.96
CA LEU B 539 -11.55 -10.33 40.54
C LEU B 539 -11.18 -11.30 41.68
N ASP B 540 -11.32 -10.86 42.93
CA ASP B 540 -10.97 -11.73 44.06
C ASP B 540 -12.00 -12.82 44.30
N GLU B 541 -13.21 -12.69 43.76
CA GLU B 541 -14.25 -13.69 43.95
C GLU B 541 -14.17 -14.82 42.93
N VAL B 542 -13.29 -14.72 41.94
CA VAL B 542 -13.14 -15.76 40.93
C VAL B 542 -11.67 -16.15 40.82
N MET B 543 -10.89 -15.81 41.84
CA MET B 543 -9.46 -16.11 41.86
C MET B 543 -9.14 -17.50 42.43
N LYS B 544 -10.15 -18.20 42.96
CA LYS B 544 -9.90 -19.51 43.56
C LYS B 544 -9.66 -20.58 42.49
N GLY B 545 -10.29 -20.44 41.32
CA GLY B 545 -10.14 -21.43 40.27
C GLY B 545 -9.16 -21.03 39.18
N ARG B 546 -8.27 -20.08 39.50
CA ARG B 546 -7.33 -19.58 38.51
C ARG B 546 -6.03 -19.21 39.20
N THR B 547 -4.97 -19.13 38.40
CA THR B 547 -3.66 -18.66 38.85
C THR B 547 -3.41 -17.30 38.22
N THR B 548 -3.22 -16.28 39.07
CA THR B 548 -3.17 -14.90 38.62
C THR B 548 -1.75 -14.36 38.74
N LEU B 549 -1.26 -13.77 37.65
CA LEU B 549 0.00 -13.04 37.63
C LEU B 549 -0.30 -11.57 37.36
N VAL B 550 0.23 -10.69 38.21
CA VAL B 550 -0.07 -9.26 38.14
C VAL B 550 1.23 -8.49 38.09
N ILE B 551 1.36 -7.61 37.10
CA ILE B 551 2.48 -6.68 36.95
C ILE B 551 1.89 -5.29 37.00
N ALA B 552 1.97 -4.63 38.15
CA ALA B 552 1.37 -3.32 38.35
C ALA B 552 2.33 -2.40 39.07
N HIS B 553 2.15 -1.10 38.85
CA HIS B 553 2.94 -0.07 39.51
C HIS B 553 2.22 0.59 40.67
N ARG B 554 0.92 0.39 40.81
CA ARG B 554 0.16 0.93 41.93
C ARG B 554 0.16 -0.10 43.05
N LEU B 555 0.89 0.19 44.13
CA LEU B 555 1.05 -0.75 45.22
C LEU B 555 -0.17 -0.72 46.13
N SER B 556 -1.35 -0.92 45.55
CA SER B 556 -2.60 -0.97 46.29
C SER B 556 -3.50 -2.15 45.92
N THR B 557 -3.35 -2.72 44.72
CA THR B 557 -4.13 -3.87 44.30
C THR B 557 -3.38 -5.18 44.43
N ILE B 558 -2.17 -5.15 44.98
CA ILE B 558 -1.35 -6.35 45.14
C ILE B 558 -1.07 -6.68 46.59
N GLU B 559 -1.64 -5.91 47.53
CA GLU B 559 -1.41 -6.18 48.95
C GLU B 559 -1.93 -7.56 49.35
N LYS B 560 -3.07 -7.96 48.78
CA LYS B 560 -3.69 -9.24 49.09
C LYS B 560 -3.10 -10.39 48.28
N ALA B 561 -2.08 -10.12 47.47
CA ALA B 561 -1.45 -11.18 46.69
C ALA B 561 -0.74 -12.18 47.60
N ASP B 562 -0.82 -13.46 47.24
CA ASP B 562 -0.22 -14.50 48.06
C ASP B 562 1.30 -14.35 48.10
N LEU B 563 1.92 -14.06 46.97
CA LEU B 563 3.36 -13.85 46.91
C LEU B 563 3.66 -12.63 46.05
N ILE B 564 4.52 -11.75 46.56
CA ILE B 564 4.91 -10.52 45.88
C ILE B 564 6.40 -10.62 45.57
N LEU B 565 6.75 -10.38 44.30
CA LEU B 565 8.13 -10.47 43.84
C LEU B 565 8.59 -9.11 43.37
N VAL B 566 9.67 -8.60 43.96
CA VAL B 566 10.25 -7.32 43.59
C VAL B 566 11.49 -7.59 42.75
N MET B 567 11.56 -6.97 41.57
CA MET B 567 12.67 -7.16 40.65
C MET B 567 13.53 -5.90 40.62
N ASP B 568 14.82 -6.09 40.33
CA ASP B 568 15.75 -4.97 40.24
C ASP B 568 16.82 -5.35 39.21
N GLN B 569 16.67 -4.83 37.99
CA GLN B 569 17.61 -5.07 36.91
C GLN B 569 17.63 -6.54 36.49
N GLY B 570 16.44 -7.14 36.41
CA GLY B 570 16.33 -8.51 35.98
C GLY B 570 16.56 -9.57 37.04
N GLN B 571 16.67 -9.17 38.30
CA GLN B 571 16.87 -10.11 39.39
C GLN B 571 15.83 -9.87 40.47
N ILE B 572 15.29 -10.94 41.03
CA ILE B 572 14.32 -10.84 42.11
C ILE B 572 15.11 -10.60 43.41
N VAL B 573 14.97 -9.38 43.94
CA VAL B 573 15.73 -9.00 45.13
C VAL B 573 15.02 -9.39 46.42
N GLU B 574 13.69 -9.29 46.45
CA GLU B 574 12.93 -9.57 47.66
C GLU B 574 11.75 -10.48 47.35
N ARG B 575 11.35 -11.26 48.36
CA ARG B 575 10.21 -12.16 48.25
C ARG B 575 9.43 -12.12 49.55
N GLY B 576 8.16 -12.49 49.46
CA GLY B 576 7.30 -12.53 50.63
C GLY B 576 5.93 -11.94 50.40
N SER B 577 5.36 -11.33 51.43
CA SER B 577 4.03 -10.72 51.38
C SER B 577 4.13 -9.26 51.81
N HIS B 578 2.97 -8.61 51.93
CA HIS B 578 2.94 -7.20 52.30
C HIS B 578 3.59 -6.97 53.67
N ALA B 579 3.18 -7.76 54.67
CA ALA B 579 3.70 -7.56 56.03
C ALA B 579 5.20 -7.84 56.09
N GLU B 580 5.62 -8.98 55.52
CA GLU B 580 7.05 -9.33 55.56
C GLU B 580 7.89 -8.33 54.78
N LEU B 581 7.41 -7.92 53.60
CA LEU B 581 8.17 -6.97 52.79
C LEU B 581 8.30 -5.62 53.50
N LEU B 582 7.21 -5.16 54.13
CA LEU B 582 7.28 -3.91 54.89
C LEU B 582 8.23 -4.04 56.09
N ALA B 583 8.20 -5.19 56.76
CA ALA B 583 9.08 -5.40 57.90
C ALA B 583 10.55 -5.40 57.47
N GLN B 584 10.85 -5.97 56.31
CA GLN B 584 12.22 -6.01 55.81
C GLN B 584 12.78 -4.60 55.62
N ASN B 585 11.93 -3.63 55.29
CA ASN B 585 12.34 -2.25 55.07
C ASN B 585 13.39 -2.15 53.97
N GLY B 586 12.99 -2.58 52.77
CA GLY B 586 13.89 -2.57 51.63
C GLY B 586 13.33 -1.85 50.43
N HIS B 587 13.44 -2.48 49.25
CA HIS B 587 12.93 -1.85 48.03
C HIS B 587 11.42 -1.68 48.09
N TYR B 588 10.70 -2.69 48.59
CA TYR B 588 9.25 -2.61 48.67
C TYR B 588 8.81 -1.49 49.61
N ALA B 589 9.51 -1.33 50.74
CA ALA B 589 9.16 -0.27 51.68
C ALA B 589 9.35 1.11 51.04
N ARG B 590 10.44 1.30 50.31
CA ARG B 590 10.67 2.57 49.64
C ARG B 590 9.63 2.83 48.56
N LEU B 591 9.30 1.81 47.77
CA LEU B 591 8.35 1.99 46.67
C LEU B 591 6.94 2.25 47.19
N HIS B 592 6.55 1.58 48.29
CA HIS B 592 5.21 1.75 48.82
C HIS B 592 4.97 3.17 49.29
N ALA B 593 5.96 3.78 49.94
CA ALA B 593 5.83 5.15 50.44
C ALA B 593 5.64 6.14 49.30
ZN ZN C . -8.04 10.49 28.49
VG AD9 D . -9.43 9.01 30.84
O1G AD9 D . -9.59 9.77 32.77
O2G AD9 D . -7.49 8.42 30.45
O3G AD9 D . -10.65 7.38 30.54
PB AD9 D . -11.05 11.46 30.02
O1B AD9 D . -11.54 10.93 31.36
O2B AD9 D . -10.37 12.78 30.23
O3B AD9 D . -9.95 10.41 29.40
PA AD9 D . -12.23 11.46 27.28
O1A AD9 D . -11.26 10.39 26.99
O2A AD9 D . -11.78 12.78 26.58
O3A AD9 D . -12.36 11.69 28.94
O5' AD9 D . -13.72 11.01 26.70
C5' AD9 D . -14.87 11.64 27.24
C4' AD9 D . -16.09 11.25 26.38
O4' AD9 D . -15.90 11.78 24.86
C3' AD9 D . -16.21 10.01 26.32
O3' AD9 D . -17.65 9.65 26.43
C2' AD9 D . -15.62 9.51 24.83
O2' AD9 D . -16.30 8.36 24.40
C1' AD9 D . -15.83 10.51 23.99
N9 AD9 D . -14.76 10.66 23.03
C8 AD9 D . -13.47 10.89 23.31
N7 AD9 D . -12.78 10.97 22.18
C5 AD9 D . -13.65 10.78 21.15
C6 AD9 D . -13.52 10.76 19.73
N6 AD9 D . -12.18 10.96 19.06
N1 AD9 D . -14.61 10.55 18.99
C2 AD9 D . -15.82 10.36 19.55
C4 AD9 D . -14.90 10.58 21.68
N3 AD9 D . -15.96 10.38 20.87
ZN ZN E . -10.49 -0.92 6.34
ZN ZN F . -10.06 5.18 4.86
ZN ZN G . 6.14 -2.99 30.64
VG AD9 H . 7.38 -0.96 32.62
O1G AD9 H . 7.42 -1.20 34.70
O2G AD9 H . 5.48 -0.50 31.98
O3G AD9 H . 8.64 0.56 32.02
PB AD9 H . 9.03 -3.51 32.55
O1B AD9 H . 9.45 -2.67 33.75
O2B AD9 H . 8.34 -4.74 33.03
O3B AD9 H . 7.98 -2.67 31.62
PA AD9 H . 10.39 -4.18 29.97
O1A AD9 H . 9.44 -3.24 29.37
O2A AD9 H . 9.98 -5.65 29.61
O3A AD9 H . 10.40 -3.99 31.64
O5' AD9 H . 11.91 -3.88 29.40
C5' AD9 H . 13.03 -4.35 30.15
C4' AD9 H . 14.29 -4.18 29.30
O4' AD9 H . 14.20 -5.06 27.95
C3' AD9 H . 14.44 -2.99 28.94
O3' AD9 H . 15.86 -2.59 29.05
C2' AD9 H . 13.94 -2.88 27.34
O2' AD9 H . 14.67 -1.87 26.68
C1' AD9 H . 14.19 -4.06 26.79
N9 AD9 H . 13.18 -4.45 25.83
C8 AD9 H . 11.88 -4.62 26.07
N7 AD9 H . 11.26 -4.98 24.96
C5 AD9 H . 12.19 -5.05 23.97
C6 AD9 H . 12.16 -5.37 22.59
N6 AD9 H . 10.85 -5.76 21.92
N1 AD9 H . 13.29 -5.35 21.89
C2 AD9 H . 14.47 -5.02 22.46
C4 AD9 H . 13.41 -4.71 24.52
N3 AD9 H . 14.53 -4.71 23.75
ZN ZN I . 10.06 2.56 6.55
ZN ZN J . 9.68 -3.71 6.61
#